data_7WMB
#
_entry.id   7WMB
#
_cell.length_a   99.711
_cell.length_b   99.711
_cell.length_c   129.675
_cell.angle_alpha   90.000
_cell.angle_beta   90.000
_cell.angle_gamma   90.000
#
_symmetry.space_group_name_H-M   'P 43 21 2'
#
loop_
_entity.id
_entity.type
_entity.pdbx_description
1 polymer 'Amidohydrolase 2'
2 non-polymer 'MAGNESIUM ION'
3 non-polymer CATECHOL
4 water water
#
_entity_poly.entity_id   1
_entity_poly.type   'polypeptide(L)'
_entity_poly.pdbx_seq_one_letter_code
;HMLGKIALEEAFALPRFEEKTRWYASLFSTDAETHVKEITDINKIRIEHADKHGVGYQILSYTAPGVQDIWDPVEAQALA
VEINDYIAEQVRVNPDRFGAFATLSMHNPKEAADELRRCVEKYGFKGALVNDTQRAGPDGDDMIFYDNADWDIFWQTCTE
LDVPFYMHPRNPTGTIYEKLWADRKWLVGPPLSFAHGVSLHVLGMVTNGVFDRHPKLQIIMGHLGEHVPFDMWRINHWFE
DRKKLLGLAETCKKTIRDYFAENIWITTSGHFSTTTLNFCMAEVGSDRILFSIDYPFETFSDACEWFDNAELNGTDRLKI
GRENAKKLFKLDSYKDSSA
;
_entity_poly.pdbx_strand_id   A,B
#
loop_
_chem_comp.id
_chem_comp.type
_chem_comp.name
_chem_comp.formula
CAQ non-polymer CATECHOL 'C6 H6 O2'
MG non-polymer 'MAGNESIUM ION' 'Mg 2'
#
# COMPACT_ATOMS: atom_id res chain seq x y z
N HIS A 1 -17.96 -3.25 10.74
CA HIS A 1 -17.10 -2.88 11.86
C HIS A 1 -16.27 -1.64 11.57
N MET A 2 -15.81 -1.45 10.33
CA MET A 2 -15.19 -0.17 9.98
C MET A 2 -16.29 0.86 9.80
N LEU A 3 -16.13 2.02 10.43
CA LEU A 3 -17.10 3.10 10.33
C LEU A 3 -16.54 4.18 9.41
N GLY A 4 -17.43 5.02 8.91
CA GLY A 4 -17.00 6.13 8.07
C GLY A 4 -16.59 5.74 6.67
N LYS A 5 -17.03 4.58 6.18
CA LYS A 5 -16.63 4.15 4.84
C LYS A 5 -17.24 5.07 3.79
N ILE A 6 -16.54 5.16 2.65
CA ILE A 6 -16.99 5.95 1.51
C ILE A 6 -17.23 5.01 0.34
N ALA A 7 -18.42 5.10 -0.25
CA ALA A 7 -18.75 4.37 -1.46
C ALA A 7 -19.06 5.39 -2.56
N LEU A 8 -18.71 5.04 -3.81
CA LEU A 8 -18.89 6.06 -4.84
C LEU A 8 -19.33 5.51 -6.19
N GLU A 9 -19.87 4.30 -6.23
CA GLU A 9 -20.49 3.83 -7.46
C GLU A 9 -21.94 3.48 -7.16
N GLU A 10 -22.70 4.46 -6.66
CA GLU A 10 -24.03 4.22 -6.11
C GLU A 10 -25.05 4.98 -6.95
N ALA A 11 -26.01 4.26 -7.50
CA ALA A 11 -26.87 4.80 -8.53
C ALA A 11 -28.23 5.20 -7.99
N PHE A 12 -28.86 6.13 -8.73
CA PHE A 12 -30.25 6.52 -8.51
C PHE A 12 -30.90 6.73 -9.87
N ALA A 13 -32.23 6.70 -9.89
CA ALA A 13 -33.00 6.98 -11.10
C ALA A 13 -34.11 7.96 -10.78
N LEU A 14 -34.54 8.72 -11.80
CA LEU A 14 -35.62 9.68 -11.58
C LEU A 14 -36.94 8.94 -11.44
N PRO A 15 -37.81 9.38 -10.53
CA PRO A 15 -39.11 8.72 -10.36
C PRO A 15 -39.90 8.55 -11.66
N ARG A 16 -39.82 9.53 -12.57
CA ARG A 16 -40.65 9.48 -13.77
C ARG A 16 -40.23 8.42 -14.78
N PHE A 17 -39.09 7.75 -14.58
CA PHE A 17 -38.63 6.72 -15.51
C PHE A 17 -38.89 5.30 -15.01
N GLU A 18 -39.92 5.14 -14.17
CA GLU A 18 -40.21 3.82 -13.58
C GLU A 18 -40.24 2.71 -14.62
N GLU A 19 -40.75 3.00 -15.83
CA GLU A 19 -40.81 1.98 -16.87
C GLU A 19 -39.42 1.52 -17.31
N LYS A 20 -38.51 2.47 -17.59
CA LYS A 20 -37.14 2.08 -17.90
C LYS A 20 -36.48 1.38 -16.73
N THR A 21 -36.77 1.82 -15.51
CA THR A 21 -36.17 1.21 -14.32
C THR A 21 -36.58 -0.25 -14.17
N ARG A 22 -37.86 -0.56 -14.45
CA ARG A 22 -38.32 -1.93 -14.32
C ARG A 22 -37.80 -2.80 -15.45
N TRP A 23 -37.64 -2.24 -16.66
CA TRP A 23 -37.07 -3.03 -17.74
C TRP A 23 -35.62 -3.39 -17.45
N TYR A 24 -34.84 -2.42 -16.94
CA TYR A 24 -33.46 -2.69 -16.56
C TYR A 24 -33.41 -3.71 -15.41
N ALA A 25 -34.37 -3.64 -14.49
CA ALA A 25 -34.40 -4.58 -13.37
C ALA A 25 -34.74 -5.99 -13.83
N SER A 26 -35.52 -6.14 -14.91
CA SER A 26 -35.80 -7.47 -15.43
C SER A 26 -34.54 -8.13 -15.96
N LEU A 27 -33.49 -7.36 -16.22
CA LEU A 27 -32.19 -7.87 -16.62
C LEU A 27 -31.28 -8.14 -15.43
N PHE A 28 -31.33 -7.29 -14.41
CA PHE A 28 -30.24 -7.28 -13.44
C PHE A 28 -30.69 -7.38 -11.99
N SER A 29 -31.98 -7.62 -11.72
CA SER A 29 -32.44 -7.77 -10.34
C SER A 29 -33.32 -9.01 -10.21
N THR A 30 -33.18 -9.69 -9.07
CA THR A 30 -34.06 -10.81 -8.74
C THR A 30 -35.22 -10.38 -7.84
N ASP A 31 -35.44 -9.07 -7.66
CA ASP A 31 -36.47 -8.55 -6.76
C ASP A 31 -36.83 -7.15 -7.28
N ALA A 32 -37.64 -7.11 -8.34
CA ALA A 32 -37.85 -5.87 -9.08
C ALA A 32 -38.52 -4.80 -8.22
N GLU A 33 -39.51 -5.19 -7.41
CA GLU A 33 -40.23 -4.21 -6.60
C GLU A 33 -39.30 -3.51 -5.63
N THR A 34 -38.44 -4.29 -4.95
CA THR A 34 -37.47 -3.67 -4.05
C THR A 34 -36.48 -2.81 -4.83
N HIS A 35 -36.04 -3.29 -6.00
CA HIS A 35 -35.09 -2.53 -6.82
C HIS A 35 -35.67 -1.17 -7.21
N VAL A 36 -36.94 -1.14 -7.64
CA VAL A 36 -37.59 0.12 -8.02
C VAL A 36 -37.56 1.10 -6.85
N LYS A 37 -37.98 0.65 -5.67
CA LYS A 37 -37.97 1.52 -4.50
C LYS A 37 -36.55 1.94 -4.12
N GLU A 38 -35.59 1.01 -4.20
CA GLU A 38 -34.26 1.34 -3.73
C GLU A 38 -33.54 2.30 -4.68
N ILE A 39 -33.71 2.12 -6.00
CA ILE A 39 -32.95 2.98 -6.92
C ILE A 39 -33.52 4.40 -6.97
N THR A 40 -34.80 4.59 -6.65
CA THR A 40 -35.35 5.94 -6.63
C THR A 40 -35.22 6.61 -5.27
N ASP A 41 -35.12 5.82 -4.20
CA ASP A 41 -34.98 6.38 -2.86
C ASP A 41 -33.58 6.96 -2.67
N ILE A 42 -33.52 8.13 -2.03
CA ILE A 42 -32.26 8.81 -1.70
C ILE A 42 -32.06 8.91 -0.20
N ASN A 43 -33.08 9.39 0.52
CA ASN A 43 -32.88 9.93 1.86
C ASN A 43 -33.44 9.08 2.98
N LYS A 44 -34.05 7.93 2.68
CA LYS A 44 -34.64 7.08 3.72
C LYS A 44 -34.03 5.69 3.71
N ILE A 45 -34.38 4.84 2.73
CA ILE A 45 -33.86 3.48 2.71
C ILE A 45 -32.34 3.49 2.57
N ARG A 46 -31.83 4.32 1.67
CA ARG A 46 -30.39 4.40 1.44
C ARG A 46 -29.65 4.77 2.71
N ILE A 47 -30.18 5.71 3.48
CA ILE A 47 -29.57 6.10 4.76
C ILE A 47 -29.57 4.93 5.74
N GLU A 48 -30.72 4.26 5.87
CA GLU A 48 -30.81 3.14 6.82
C GLU A 48 -29.78 2.07 6.52
N HIS A 49 -29.68 1.66 5.25
CA HIS A 49 -28.64 0.71 4.83
C HIS A 49 -27.26 1.21 5.26
N ALA A 50 -26.96 2.47 4.95
CA ALA A 50 -25.64 3.01 5.25
C ALA A 50 -25.39 3.08 6.75
N ASP A 51 -26.44 3.35 7.55
CA ASP A 51 -26.29 3.38 9.00
C ASP A 51 -26.02 1.99 9.56
N LYS A 52 -26.66 0.97 8.98
CA LYS A 52 -26.46 -0.39 9.45
C LYS A 52 -25.06 -0.93 9.15
N HIS A 53 -24.40 -0.41 8.11
CA HIS A 53 -23.23 -1.06 7.56
C HIS A 53 -21.97 -0.18 7.56
N GLY A 54 -21.95 0.90 8.34
CA GLY A 54 -20.73 1.66 8.53
C GLY A 54 -20.31 2.51 7.35
N VAL A 55 -21.25 2.94 6.53
CA VAL A 55 -20.96 3.76 5.36
C VAL A 55 -21.35 5.19 5.70
N GLY A 56 -20.35 6.02 5.98
CA GLY A 56 -20.60 7.40 6.37
C GLY A 56 -20.95 8.33 5.20
N TYR A 57 -20.35 8.10 4.04
CA TYR A 57 -20.49 9.04 2.93
C TYR A 57 -20.69 8.28 1.62
N GLN A 58 -21.56 8.81 0.76
CA GLN A 58 -21.80 8.22 -0.55
C GLN A 58 -21.83 9.31 -1.60
N ILE A 59 -21.14 9.08 -2.70
CA ILE A 59 -21.23 9.96 -3.85
C ILE A 59 -22.17 9.30 -4.84
N LEU A 60 -23.33 9.93 -5.06
CA LEU A 60 -24.37 9.35 -5.88
C LEU A 60 -24.17 9.70 -7.35
N SER A 61 -24.71 8.85 -8.22
CA SER A 61 -24.57 9.04 -9.68
C SER A 61 -25.77 8.40 -10.36
N TYR A 62 -26.00 8.77 -11.63
CA TYR A 62 -27.19 8.32 -12.33
C TYR A 62 -27.01 6.92 -12.92
N THR A 63 -28.05 6.10 -12.81
CA THR A 63 -28.03 4.73 -13.31
C THR A 63 -27.62 4.68 -14.78
N ALA A 64 -27.08 3.53 -15.17
CA ALA A 64 -26.83 3.21 -16.56
C ALA A 64 -28.12 2.71 -17.19
N PRO A 65 -28.30 2.92 -18.51
CA PRO A 65 -27.38 3.59 -19.44
C PRO A 65 -27.47 5.11 -19.33
N GLY A 66 -28.54 5.61 -18.73
CA GLY A 66 -28.62 7.02 -18.39
C GLY A 66 -28.63 7.89 -19.61
N VAL A 67 -27.91 9.03 -19.53
CA VAL A 67 -27.91 9.98 -20.63
C VAL A 67 -27.16 9.42 -21.83
N GLN A 68 -26.22 8.50 -21.60
CA GLN A 68 -25.46 7.95 -22.72
C GLN A 68 -26.35 7.12 -23.65
N ASP A 69 -27.57 6.75 -23.21
CA ASP A 69 -28.50 6.04 -24.07
C ASP A 69 -29.24 6.95 -25.05
N ILE A 70 -29.18 8.28 -24.86
CA ILE A 70 -29.99 9.23 -25.62
C ILE A 70 -29.16 9.80 -26.76
N TRP A 71 -29.54 9.51 -28.02
CA TRP A 71 -28.78 9.99 -29.16
C TRP A 71 -29.33 11.29 -29.76
N ASP A 72 -30.44 11.81 -29.26
CA ASP A 72 -30.83 13.17 -29.61
C ASP A 72 -30.05 14.12 -28.69
N PRO A 73 -29.09 14.87 -29.21
CA PRO A 73 -28.24 15.67 -28.32
C PRO A 73 -29.02 16.73 -27.55
N VAL A 74 -30.10 17.26 -28.12
CA VAL A 74 -30.90 18.25 -27.40
C VAL A 74 -31.65 17.59 -26.25
N GLU A 75 -32.26 16.43 -26.51
CA GLU A 75 -32.91 15.67 -25.46
C GLU A 75 -31.90 15.20 -24.41
N ALA A 76 -30.71 14.79 -24.85
CA ALA A 76 -29.69 14.32 -23.92
C ALA A 76 -29.25 15.42 -22.97
N GLN A 77 -28.89 16.58 -23.52
CA GLN A 77 -28.46 17.69 -22.67
C GLN A 77 -29.53 18.07 -21.67
N ALA A 78 -30.82 18.07 -22.09
CA ALA A 78 -31.88 18.50 -21.18
C ALA A 78 -32.10 17.50 -20.06
N LEU A 79 -31.97 16.20 -20.35
CA LEU A 79 -32.05 15.21 -19.29
C LEU A 79 -30.87 15.35 -18.34
N ALA A 80 -29.67 15.60 -18.85
CA ALA A 80 -28.52 15.79 -17.98
C ALA A 80 -28.77 16.94 -17.01
N VAL A 81 -29.16 18.10 -17.53
CA VAL A 81 -29.42 19.26 -16.67
C VAL A 81 -30.52 18.94 -15.67
N GLU A 82 -31.58 18.26 -16.13
CA GLU A 82 -32.67 17.86 -15.24
C GLU A 82 -32.15 17.01 -14.09
N ILE A 83 -31.33 16.01 -14.41
CA ILE A 83 -30.85 15.08 -13.40
C ILE A 83 -29.97 15.79 -12.37
N ASN A 84 -29.03 16.62 -12.86
CA ASN A 84 -28.15 17.33 -11.93
C ASN A 84 -28.91 18.26 -11.00
N ASP A 85 -29.87 19.03 -11.53
CA ASP A 85 -30.72 19.86 -10.68
C ASP A 85 -31.46 19.03 -9.65
N TYR A 86 -31.97 17.86 -10.06
CA TYR A 86 -32.74 17.03 -9.15
C TYR A 86 -31.88 16.51 -8.02
N ILE A 87 -30.72 15.95 -8.34
CA ILE A 87 -29.91 15.29 -7.33
C ILE A 87 -29.28 16.32 -6.39
N ALA A 88 -28.96 17.52 -6.91
CA ALA A 88 -28.45 18.57 -6.04
C ALA A 88 -29.46 18.94 -4.95
N GLU A 89 -30.76 19.01 -5.30
CA GLU A 89 -31.77 19.25 -4.29
C GLU A 89 -31.90 18.08 -3.33
N GLN A 90 -31.88 16.85 -3.86
CA GLN A 90 -32.04 15.70 -2.98
C GLN A 90 -30.94 15.61 -1.95
N VAL A 91 -29.69 15.93 -2.33
CA VAL A 91 -28.58 15.75 -1.41
C VAL A 91 -28.47 16.88 -0.39
N ARG A 92 -29.25 17.96 -0.54
CA ARG A 92 -29.30 19.00 0.50
C ARG A 92 -29.94 18.48 1.77
N VAL A 93 -30.78 17.45 1.65
CA VAL A 93 -31.48 16.92 2.83
C VAL A 93 -30.48 16.34 3.84
N ASN A 94 -29.41 15.72 3.35
CA ASN A 94 -28.41 15.07 4.20
C ASN A 94 -27.03 15.34 3.64
N PRO A 95 -26.58 16.60 3.66
CA PRO A 95 -25.30 16.92 3.01
C PRO A 95 -24.09 16.27 3.65
N ASP A 96 -24.18 15.82 4.91
CA ASP A 96 -23.06 15.14 5.54
C ASP A 96 -23.05 13.65 5.23
N ARG A 97 -24.03 13.16 4.48
CA ARG A 97 -24.06 11.77 4.08
C ARG A 97 -23.86 11.57 2.59
N PHE A 98 -24.08 12.59 1.77
CA PHE A 98 -24.17 12.42 0.33
C PHE A 98 -23.38 13.51 -0.39
N GLY A 99 -22.70 13.11 -1.46
CA GLY A 99 -22.32 13.98 -2.54
C GLY A 99 -22.88 13.43 -3.84
N ALA A 100 -22.51 14.08 -4.95
CA ALA A 100 -22.95 13.62 -6.26
C ALA A 100 -21.86 13.82 -7.30
N PHE A 101 -21.85 12.91 -8.28
CA PHE A 101 -21.14 13.13 -9.53
C PHE A 101 -22.06 13.81 -10.51
N ALA A 102 -21.48 14.58 -11.42
CA ALA A 102 -22.26 15.19 -12.49
C ALA A 102 -22.74 14.11 -13.46
N THR A 103 -23.96 14.29 -13.94
CA THR A 103 -24.46 13.49 -15.06
C THR A 103 -24.37 14.35 -16.31
N LEU A 104 -23.88 13.78 -17.39
CA LEU A 104 -23.52 14.56 -18.55
C LEU A 104 -24.07 13.94 -19.83
N SER A 105 -24.48 14.80 -20.75
CA SER A 105 -24.55 14.43 -22.15
C SER A 105 -23.17 14.63 -22.75
N MET A 106 -22.65 13.61 -23.42
CA MET A 106 -21.32 13.63 -23.99
C MET A 106 -21.35 13.74 -25.52
N HIS A 107 -22.35 14.43 -26.05
CA HIS A 107 -22.41 14.66 -27.48
C HIS A 107 -21.39 15.70 -27.94
N ASN A 108 -21.07 16.69 -27.10
CA ASN A 108 -20.22 17.77 -27.53
C ASN A 108 -19.24 18.14 -26.42
N PRO A 109 -17.92 18.14 -26.69
CA PRO A 109 -16.95 18.40 -25.60
C PRO A 109 -17.19 19.70 -24.85
N LYS A 110 -17.42 20.80 -25.56
CA LYS A 110 -17.63 22.08 -24.89
C LYS A 110 -18.92 22.08 -24.08
N GLU A 111 -19.98 21.47 -24.62
CA GLU A 111 -21.22 21.36 -23.88
C GLU A 111 -21.03 20.54 -22.60
N ALA A 112 -20.39 19.37 -22.73
CA ALA A 112 -20.11 18.57 -21.54
C ALA A 112 -19.24 19.32 -20.54
N ALA A 113 -18.22 20.03 -21.04
CA ALA A 113 -17.35 20.79 -20.15
C ALA A 113 -18.13 21.83 -19.34
N ASP A 114 -19.02 22.59 -20.01
CA ASP A 114 -19.74 23.64 -19.32
C ASP A 114 -20.70 23.07 -18.28
N GLU A 115 -21.33 21.93 -18.58
CA GLU A 115 -22.27 21.39 -17.61
C GLU A 115 -21.54 20.74 -16.44
N LEU A 116 -20.34 20.17 -16.68
CA LEU A 116 -19.54 19.72 -15.55
C LEU A 116 -19.15 20.89 -14.67
N ARG A 117 -18.72 21.99 -15.30
CA ARG A 117 -18.32 23.20 -14.56
C ARG A 117 -19.48 23.73 -13.72
N ARG A 118 -20.65 23.87 -14.33
CA ARG A 118 -21.82 24.30 -13.57
C ARG A 118 -22.06 23.41 -12.36
N CYS A 119 -22.07 22.09 -12.57
CA CYS A 119 -22.29 21.16 -11.46
C CYS A 119 -21.28 21.39 -10.34
N VAL A 120 -20.01 21.54 -10.70
CA VAL A 120 -18.98 21.71 -9.67
C VAL A 120 -19.11 23.07 -9.01
N GLU A 121 -19.25 24.12 -9.82
CA GLU A 121 -19.20 25.47 -9.27
C GLU A 121 -20.53 25.89 -8.63
N LYS A 122 -21.67 25.49 -9.21
CA LYS A 122 -22.96 25.85 -8.60
C LYS A 122 -23.34 24.90 -7.45
N TYR A 123 -23.11 23.60 -7.62
CA TYR A 123 -23.61 22.60 -6.69
C TYR A 123 -22.55 21.93 -5.83
N GLY A 124 -21.26 22.10 -6.13
CA GLY A 124 -20.25 21.41 -5.35
C GLY A 124 -20.18 19.91 -5.62
N PHE A 125 -20.50 19.48 -6.83
CA PHE A 125 -20.38 18.09 -7.22
C PHE A 125 -18.90 17.70 -7.25
N LYS A 126 -18.63 16.41 -7.05
CA LYS A 126 -17.28 15.91 -6.78
C LYS A 126 -16.57 15.41 -8.03
N GLY A 127 -17.22 15.43 -9.18
CA GLY A 127 -16.63 14.92 -10.39
C GLY A 127 -17.72 14.58 -11.39
N ALA A 128 -17.40 13.68 -12.32
CA ALA A 128 -18.38 13.20 -13.29
C ALA A 128 -18.40 11.68 -13.30
N LEU A 129 -19.57 11.13 -13.58
CA LEU A 129 -19.72 9.71 -13.83
C LEU A 129 -20.49 9.56 -15.12
N VAL A 130 -19.88 8.86 -16.08
CA VAL A 130 -20.40 8.73 -17.44
C VAL A 130 -20.42 7.24 -17.80
N ASN A 131 -21.51 6.80 -18.42
CA ASN A 131 -21.67 5.38 -18.74
C ASN A 131 -21.06 5.07 -20.11
N ASP A 132 -19.73 5.05 -20.15
CA ASP A 132 -18.97 4.63 -21.36
C ASP A 132 -19.35 5.57 -22.50
N THR A 133 -19.50 5.09 -23.74
CA THR A 133 -19.61 5.98 -24.88
C THR A 133 -21.02 6.56 -24.98
N GLN A 134 -21.10 7.71 -25.67
CA GLN A 134 -22.38 8.40 -25.87
C GLN A 134 -23.02 7.88 -27.15
N ARG A 135 -24.24 7.37 -27.05
CA ARG A 135 -24.96 6.94 -28.23
C ARG A 135 -25.28 8.15 -29.11
N ALA A 136 -25.08 7.99 -30.42
CA ALA A 136 -25.16 9.12 -31.34
C ALA A 136 -25.55 8.59 -32.71
N GLY A 137 -25.69 9.50 -33.66
CA GLY A 137 -26.12 9.16 -34.99
C GLY A 137 -27.63 9.02 -35.05
N PRO A 138 -28.16 8.89 -36.29
CA PRO A 138 -29.63 8.99 -36.48
C PRO A 138 -30.45 7.99 -35.69
N ASP A 139 -29.96 6.76 -35.51
CA ASP A 139 -30.69 5.75 -34.75
C ASP A 139 -29.92 5.31 -33.51
N GLY A 140 -28.93 6.08 -33.08
CA GLY A 140 -28.15 5.71 -31.92
C GLY A 140 -27.18 4.59 -32.16
N ASP A 141 -26.88 4.25 -33.41
CA ASP A 141 -25.97 3.16 -33.68
C ASP A 141 -24.52 3.58 -33.73
N ASP A 142 -24.22 4.87 -33.66
CA ASP A 142 -22.84 5.32 -33.52
C ASP A 142 -22.49 5.49 -32.05
N MET A 143 -21.18 5.52 -31.78
CA MET A 143 -20.64 5.68 -30.43
C MET A 143 -19.65 6.83 -30.44
N ILE A 144 -19.79 7.73 -29.47
CA ILE A 144 -18.79 8.78 -29.27
C ILE A 144 -17.85 8.35 -28.16
N PHE A 145 -16.58 8.12 -28.51
CA PHE A 145 -15.49 7.93 -27.57
C PHE A 145 -14.84 9.28 -27.22
N TYR A 146 -14.17 9.35 -26.07
CA TYR A 146 -13.57 10.60 -25.60
C TYR A 146 -12.05 10.57 -25.57
N ASP A 147 -11.43 9.55 -26.17
CA ASP A 147 -9.97 9.43 -26.19
C ASP A 147 -9.37 10.05 -27.45
N ASN A 148 -9.59 11.36 -27.64
CA ASN A 148 -9.04 12.04 -28.81
C ASN A 148 -8.97 13.54 -28.53
N ALA A 149 -8.31 14.25 -29.46
CA ALA A 149 -7.99 15.66 -29.23
C ALA A 149 -9.24 16.53 -29.14
N ASP A 150 -10.35 16.16 -29.79
CA ASP A 150 -11.53 17.00 -29.68
C ASP A 150 -11.99 17.14 -28.24
N TRP A 151 -11.63 16.21 -27.38
CA TRP A 151 -12.06 16.21 -25.99
C TRP A 151 -11.05 16.86 -25.05
N ASP A 152 -9.99 17.46 -25.58
CA ASP A 152 -9.00 18.10 -24.71
C ASP A 152 -9.65 19.18 -23.84
N ILE A 153 -10.56 19.98 -24.41
CA ILE A 153 -11.18 21.05 -23.65
C ILE A 153 -11.97 20.49 -22.48
N PHE A 154 -12.56 19.30 -22.66
CA PHE A 154 -13.27 18.67 -21.56
C PHE A 154 -12.28 18.15 -20.50
N TRP A 155 -11.27 17.39 -20.92
CA TRP A 155 -10.32 16.87 -19.93
C TRP A 155 -9.59 17.99 -19.21
N GLN A 156 -9.33 19.10 -19.91
CA GLN A 156 -8.72 20.25 -19.26
C GLN A 156 -9.65 20.86 -18.23
N THR A 157 -10.96 20.73 -18.42
CA THR A 157 -11.90 21.21 -17.43
C THR A 157 -11.85 20.34 -16.17
N CYS A 158 -11.77 19.02 -16.35
CA CYS A 158 -11.61 18.13 -15.20
C CYS A 158 -10.38 18.48 -14.39
N THR A 159 -9.28 18.80 -15.07
CA THR A 159 -8.06 19.08 -14.34
C THR A 159 -8.04 20.48 -13.77
N GLU A 160 -8.71 21.44 -14.44
CA GLU A 160 -8.82 22.77 -13.87
C GLU A 160 -9.62 22.74 -12.58
N LEU A 161 -10.76 22.04 -12.59
CA LEU A 161 -11.58 21.91 -11.39
C LEU A 161 -11.00 20.90 -10.40
N ASP A 162 -10.06 20.07 -10.84
CA ASP A 162 -9.40 19.05 -10.02
C ASP A 162 -10.41 18.07 -9.41
N VAL A 163 -11.18 17.42 -10.28
CA VAL A 163 -12.14 16.42 -9.82
C VAL A 163 -12.08 15.22 -10.76
N PRO A 164 -12.22 14.00 -10.24
CA PRO A 164 -12.04 12.81 -11.10
C PRO A 164 -13.21 12.58 -12.05
N PHE A 165 -13.01 11.63 -12.96
CA PHE A 165 -14.01 11.19 -13.93
C PHE A 165 -14.13 9.68 -13.80
N TYR A 166 -15.34 9.20 -13.54
CA TYR A 166 -15.61 7.78 -13.28
C TYR A 166 -16.19 7.16 -14.56
N MET A 167 -15.43 6.28 -15.20
CA MET A 167 -15.85 5.61 -16.43
C MET A 167 -16.68 4.39 -16.03
N HIS A 168 -17.97 4.56 -16.03
CA HIS A 168 -18.91 3.49 -15.70
C HIS A 168 -19.30 2.76 -16.98
N PRO A 169 -19.67 1.48 -16.88
CA PRO A 169 -20.09 0.74 -18.06
C PRO A 169 -21.57 0.96 -18.40
N ARG A 170 -21.93 0.52 -19.62
CA ARG A 170 -23.33 0.40 -20.02
C ARG A 170 -23.45 -0.76 -21.01
N ASN A 171 -24.69 -1.20 -21.21
CA ASN A 171 -24.99 -2.34 -22.07
C ASN A 171 -24.53 -2.07 -23.50
N PRO A 172 -24.16 -3.13 -24.24
CA PRO A 172 -23.95 -2.95 -25.68
C PRO A 172 -25.29 -2.76 -26.35
N THR A 173 -25.29 -2.03 -27.49
CA THR A 173 -26.53 -1.78 -28.21
C THR A 173 -26.32 -1.96 -29.70
N GLY A 174 -27.42 -1.93 -30.43
CA GLY A 174 -27.35 -1.76 -31.87
C GLY A 174 -26.59 -2.88 -32.54
N THR A 175 -25.77 -2.49 -33.53
CA THR A 175 -25.00 -3.47 -34.29
C THR A 175 -24.08 -4.28 -33.39
N ILE A 176 -23.43 -3.64 -32.41
CA ILE A 176 -22.51 -4.37 -31.54
C ILE A 176 -23.24 -5.45 -30.76
N TYR A 177 -24.38 -5.09 -30.14
CA TYR A 177 -25.20 -6.08 -29.45
C TYR A 177 -25.59 -7.23 -30.38
N GLU A 178 -26.12 -6.90 -31.56
CA GLU A 178 -26.60 -7.94 -32.45
C GLU A 178 -25.48 -8.88 -32.90
N LYS A 179 -24.30 -8.32 -33.20
CA LYS A 179 -23.25 -9.15 -33.77
C LYS A 179 -22.56 -10.03 -32.75
N LEU A 180 -22.41 -9.54 -31.51
CA LEU A 180 -21.56 -10.20 -30.52
C LEU A 180 -22.32 -10.79 -29.35
N TRP A 181 -23.42 -10.16 -28.91
CA TRP A 181 -24.01 -10.45 -27.61
C TRP A 181 -25.40 -11.08 -27.65
N ALA A 182 -26.20 -10.79 -28.70
CA ALA A 182 -27.58 -11.27 -28.76
C ALA A 182 -27.67 -12.78 -28.63
N ASP A 183 -26.70 -13.51 -29.20
CA ASP A 183 -26.72 -14.98 -29.13
C ASP A 183 -26.11 -15.53 -27.86
N ARG A 184 -25.63 -14.67 -26.97
CA ARG A 184 -25.09 -15.10 -25.67
C ARG A 184 -25.43 -14.02 -24.64
N LYS A 185 -26.73 -13.73 -24.55
CA LYS A 185 -27.20 -12.54 -23.84
C LYS A 185 -27.00 -12.60 -22.34
N TRP A 186 -26.84 -13.80 -21.76
CA TRP A 186 -26.59 -13.83 -20.33
C TRP A 186 -25.23 -13.27 -19.96
N LEU A 187 -24.35 -13.07 -20.94
CA LEU A 187 -23.05 -12.44 -20.68
C LEU A 187 -23.12 -10.92 -20.61
N VAL A 188 -24.28 -10.32 -20.94
CA VAL A 188 -24.38 -8.87 -20.95
C VAL A 188 -24.38 -8.33 -19.53
N GLY A 189 -23.65 -7.24 -19.31
CA GLY A 189 -23.58 -6.64 -18.01
C GLY A 189 -22.36 -7.11 -17.22
N PRO A 190 -22.52 -7.27 -15.91
CA PRO A 190 -21.38 -7.64 -15.05
C PRO A 190 -20.64 -8.88 -15.51
N PRO A 191 -21.30 -9.94 -16.01
CA PRO A 191 -20.54 -11.13 -16.38
C PRO A 191 -19.42 -10.87 -17.37
N LEU A 192 -19.54 -9.87 -18.26
CA LEU A 192 -18.50 -9.70 -19.26
C LEU A 192 -18.59 -8.42 -20.06
N SER A 193 -19.76 -8.06 -20.59
CA SER A 193 -19.80 -6.99 -21.57
C SER A 193 -19.38 -5.68 -20.94
N PHE A 194 -19.74 -5.46 -19.68
CA PHE A 194 -19.43 -4.20 -19.01
C PHE A 194 -17.92 -3.93 -19.02
N ALA A 195 -17.13 -4.92 -18.60
CA ALA A 195 -15.70 -4.70 -18.46
C ALA A 195 -15.04 -4.50 -19.82
N HIS A 196 -15.53 -5.21 -20.83
CA HIS A 196 -15.02 -5.05 -22.18
C HIS A 196 -15.17 -3.62 -22.67
N GLY A 197 -16.31 -2.99 -22.36
CA GLY A 197 -16.52 -1.63 -22.79
C GLY A 197 -15.61 -0.64 -22.07
N VAL A 198 -15.58 -0.70 -20.74
CA VAL A 198 -14.82 0.28 -19.97
C VAL A 198 -13.32 0.14 -20.25
N SER A 199 -12.83 -1.11 -20.26
CA SER A 199 -11.39 -1.33 -20.42
C SER A 199 -10.92 -0.85 -21.79
N LEU A 200 -11.76 -1.02 -22.80
CA LEU A 200 -11.43 -0.50 -24.13
C LEU A 200 -11.34 1.01 -24.11
N HIS A 201 -12.33 1.67 -23.49
CA HIS A 201 -12.35 3.13 -23.49
C HIS A 201 -11.17 3.70 -22.70
N VAL A 202 -10.90 3.16 -21.52
CA VAL A 202 -9.83 3.69 -20.68
C VAL A 202 -8.46 3.40 -21.31
N LEU A 203 -8.26 2.19 -21.83
CA LEU A 203 -6.98 1.92 -22.47
C LEU A 203 -6.86 2.70 -23.77
N GLY A 204 -7.98 3.06 -24.40
CA GLY A 204 -7.92 4.02 -25.49
C GLY A 204 -7.35 5.36 -25.04
N MET A 205 -7.81 5.84 -23.90
CA MET A 205 -7.30 7.11 -23.40
C MET A 205 -5.80 7.03 -23.15
N VAL A 206 -5.34 5.87 -22.64
CA VAL A 206 -3.91 5.66 -22.45
C VAL A 206 -3.18 5.75 -23.78
N THR A 207 -3.59 4.95 -24.76
CA THR A 207 -2.80 4.81 -25.97
C THR A 207 -3.01 5.94 -26.97
N ASN A 208 -4.01 6.79 -26.76
CA ASN A 208 -4.16 8.03 -27.52
C ASN A 208 -3.65 9.24 -26.75
N GLY A 209 -2.95 9.03 -25.64
CA GLY A 209 -2.21 10.12 -25.03
C GLY A 209 -3.00 11.13 -24.25
N VAL A 210 -4.23 10.78 -23.82
CA VAL A 210 -5.00 11.69 -22.99
C VAL A 210 -4.24 12.04 -21.71
N PHE A 211 -3.70 11.03 -21.03
CA PHE A 211 -2.98 11.31 -19.79
C PHE A 211 -1.62 11.96 -20.05
N ASP A 212 -1.11 11.91 -21.29
CA ASP A 212 0.07 12.68 -21.63
C ASP A 212 -0.25 14.17 -21.74
N ARG A 213 -1.35 14.50 -22.43
CA ARG A 213 -1.76 15.91 -22.54
C ARG A 213 -2.41 16.45 -21.28
N HIS A 214 -2.83 15.58 -20.35
CA HIS A 214 -3.52 16.00 -19.14
C HIS A 214 -3.00 15.20 -17.96
N PRO A 215 -1.73 15.40 -17.59
CA PRO A 215 -1.10 14.49 -16.63
C PRO A 215 -1.72 14.52 -15.25
N LYS A 216 -2.58 15.48 -14.94
CA LYS A 216 -3.25 15.52 -13.65
C LYS A 216 -4.61 14.85 -13.65
N LEU A 217 -5.13 14.46 -14.81
CA LEU A 217 -6.46 13.88 -14.90
C LEU A 217 -6.52 12.58 -14.11
N GLN A 218 -7.58 12.42 -13.31
CA GLN A 218 -7.83 11.19 -12.56
C GLN A 218 -9.05 10.49 -13.14
N ILE A 219 -8.89 9.19 -13.44
CA ILE A 219 -9.94 8.37 -14.06
C ILE A 219 -10.17 7.18 -13.14
N ILE A 220 -11.44 6.86 -12.90
CA ILE A 220 -11.82 5.80 -11.99
C ILE A 220 -12.56 4.70 -12.74
N MET A 221 -12.19 3.44 -12.46
CA MET A 221 -12.84 2.27 -13.01
C MET A 221 -13.45 1.44 -11.89
N GLY A 222 -14.65 0.94 -12.10
CA GLY A 222 -15.29 0.09 -11.11
C GLY A 222 -14.84 -1.36 -11.24
N HIS A 223 -15.36 -2.19 -10.33
CA HIS A 223 -15.27 -3.64 -10.47
C HIS A 223 -13.82 -4.12 -10.52
N LEU A 224 -13.00 -3.57 -9.60
CA LEU A 224 -11.58 -3.87 -9.50
C LEU A 224 -10.85 -3.65 -10.81
N GLY A 225 -11.37 -2.76 -11.65
CA GLY A 225 -10.64 -2.34 -12.82
C GLY A 225 -10.92 -3.06 -14.12
N GLU A 226 -12.05 -3.74 -14.25
CA GLU A 226 -12.55 -4.18 -15.55
C GLU A 226 -11.52 -5.03 -16.32
N HIS A 227 -10.96 -6.04 -15.63
CA HIS A 227 -9.98 -6.99 -16.15
C HIS A 227 -8.55 -6.45 -16.28
N VAL A 228 -8.36 -5.14 -16.32
CA VAL A 228 -7.03 -4.60 -16.68
C VAL A 228 -5.92 -5.05 -15.73
N PRO A 229 -6.10 -5.05 -14.40
CA PRO A 229 -5.00 -5.53 -13.55
C PRO A 229 -4.58 -6.96 -13.84
N PHE A 230 -5.51 -7.79 -14.33
CA PHE A 230 -5.14 -9.16 -14.68
C PHE A 230 -4.07 -9.19 -15.75
N ASP A 231 -4.16 -8.31 -16.74
CA ASP A 231 -3.25 -8.29 -17.87
C ASP A 231 -2.15 -7.24 -17.72
N MET A 232 -1.96 -6.68 -16.52
CA MET A 232 -0.95 -5.65 -16.34
C MET A 232 0.40 -6.10 -16.88
N TRP A 233 0.81 -7.33 -16.57
CA TRP A 233 2.07 -7.82 -17.11
C TRP A 233 1.99 -7.93 -18.63
N ARG A 234 0.89 -8.47 -19.14
CA ARG A 234 0.78 -8.75 -20.56
C ARG A 234 0.68 -7.45 -21.37
N ILE A 235 -0.15 -6.52 -20.90
CA ILE A 235 -0.26 -5.21 -21.55
C ILE A 235 1.09 -4.52 -21.53
N ASN A 236 1.74 -4.48 -20.36
CA ASN A 236 3.01 -3.78 -20.26
C ASN A 236 4.06 -4.41 -21.17
N HIS A 237 4.07 -5.74 -21.25
CA HIS A 237 4.97 -6.43 -22.16
C HIS A 237 4.66 -6.05 -23.61
N TRP A 238 3.40 -6.19 -24.03
CA TRP A 238 3.11 -5.91 -25.42
C TRP A 238 3.15 -4.41 -25.75
N PHE A 239 3.20 -3.53 -24.75
CA PHE A 239 3.49 -2.12 -25.03
C PHE A 239 5.00 -1.92 -25.10
N GLU A 240 5.70 -2.08 -23.96
CA GLU A 240 7.11 -1.69 -23.90
C GLU A 240 8.01 -2.55 -24.78
N ASP A 241 7.72 -3.85 -24.90
CA ASP A 241 8.60 -4.73 -25.67
C ASP A 241 8.14 -4.94 -27.11
N ARG A 242 7.10 -4.26 -27.55
CA ARG A 242 6.52 -4.54 -28.86
C ARG A 242 5.97 -3.27 -29.51
N LYS A 243 4.72 -2.93 -29.18
CA LYS A 243 4.05 -1.84 -29.89
C LYS A 243 4.79 -0.50 -29.73
N LYS A 244 5.48 -0.30 -28.59
CA LYS A 244 6.22 0.95 -28.41
C LYS A 244 7.39 1.08 -29.38
N LEU A 245 7.81 -0.01 -30.02
CA LEU A 245 8.84 0.05 -31.04
C LEU A 245 8.25 0.18 -32.44
N LEU A 246 6.94 0.14 -32.56
CA LEU A 246 6.27 0.16 -33.86
C LEU A 246 5.42 1.41 -34.09
N GLY A 247 5.34 2.33 -33.12
CA GLY A 247 4.55 3.53 -33.34
C GLY A 247 3.74 4.01 -32.15
N LEU A 248 3.46 3.12 -31.20
CA LEU A 248 2.66 3.52 -30.04
C LEU A 248 3.30 4.66 -29.26
N ALA A 249 4.64 4.68 -29.17
CA ALA A 249 5.31 5.71 -28.36
C ALA A 249 4.97 7.11 -28.86
N GLU A 250 4.56 7.25 -30.12
CA GLU A 250 4.23 8.56 -30.68
C GLU A 250 3.08 9.21 -29.92
N THR A 251 2.10 8.42 -29.48
CA THR A 251 0.94 8.98 -28.80
C THR A 251 0.78 8.41 -27.41
N CYS A 252 1.85 7.88 -26.80
CA CYS A 252 1.73 7.22 -25.50
C CYS A 252 3.11 7.23 -24.84
N LYS A 253 3.33 8.18 -23.93
CA LYS A 253 4.68 8.51 -23.49
C LYS A 253 5.14 7.75 -22.25
N LYS A 254 4.24 7.12 -21.49
CA LYS A 254 4.59 6.43 -20.25
C LYS A 254 4.13 4.99 -20.29
N THR A 255 4.53 4.21 -19.28
CA THR A 255 4.10 2.82 -19.22
C THR A 255 2.69 2.71 -18.63
N ILE A 256 2.06 1.55 -18.84
CA ILE A 256 0.77 1.34 -18.25
C ILE A 256 0.87 1.40 -16.72
N ARG A 257 2.00 0.97 -16.16
CA ARG A 257 2.16 1.03 -14.69
C ARG A 257 2.25 2.47 -14.20
N ASP A 258 2.93 3.33 -14.96
CA ASP A 258 2.93 4.76 -14.63
C ASP A 258 1.51 5.30 -14.54
N TYR A 259 0.69 5.04 -15.56
CA TYR A 259 -0.66 5.61 -15.58
C TYR A 259 -1.52 5.09 -14.43
N PHE A 260 -1.31 3.86 -14.01
CA PHE A 260 -2.02 3.39 -12.83
C PHE A 260 -1.44 3.98 -11.56
N ALA A 261 -0.16 4.34 -11.56
CA ALA A 261 0.40 5.01 -10.39
C ALA A 261 -0.04 6.47 -10.32
N GLU A 262 -0.32 7.11 -11.47
CA GLU A 262 -0.47 8.56 -11.53
C GLU A 262 -1.87 9.02 -11.91
N ASN A 263 -2.64 8.24 -12.64
CA ASN A 263 -3.89 8.73 -13.21
C ASN A 263 -5.10 7.85 -12.92
N ILE A 264 -4.91 6.54 -12.85
CA ILE A 264 -6.03 5.62 -12.85
C ILE A 264 -6.29 5.13 -11.43
N TRP A 265 -7.58 5.00 -11.09
CA TRP A 265 -8.04 4.39 -9.86
C TRP A 265 -8.98 3.23 -10.17
N ILE A 266 -9.09 2.29 -9.22
CA ILE A 266 -10.09 1.23 -9.30
C ILE A 266 -10.87 1.16 -7.99
N THR A 267 -12.09 0.67 -8.07
CA THR A 267 -12.93 0.48 -6.89
C THR A 267 -13.30 -0.97 -6.76
N THR A 268 -13.78 -1.34 -5.58
CA THR A 268 -14.23 -2.69 -5.28
C THR A 268 -15.69 -2.92 -5.67
N SER A 269 -16.27 -2.04 -6.49
CA SER A 269 -17.70 -2.16 -6.81
C SER A 269 -18.01 -3.52 -7.44
N GLY A 270 -19.01 -4.22 -6.91
CA GLY A 270 -19.45 -5.48 -7.53
C GLY A 270 -18.40 -6.57 -7.65
N HIS A 271 -17.36 -6.57 -6.81
CA HIS A 271 -16.26 -7.53 -6.95
C HIS A 271 -15.73 -7.83 -5.54
N PHE A 272 -16.55 -8.52 -4.74
CA PHE A 272 -16.29 -8.64 -3.30
C PHE A 272 -15.43 -9.90 -3.04
N SER A 273 -14.18 -9.81 -3.49
CA SER A 273 -13.28 -10.96 -3.49
C SER A 273 -11.95 -10.54 -2.90
N THR A 274 -11.63 -11.08 -1.72
CA THR A 274 -10.36 -10.77 -1.08
C THR A 274 -9.19 -11.29 -1.90
N THR A 275 -9.33 -12.48 -2.50
CA THR A 275 -8.27 -13.03 -3.33
C THR A 275 -7.95 -12.09 -4.50
N THR A 276 -8.99 -11.58 -5.18
CA THR A 276 -8.75 -10.69 -6.30
C THR A 276 -8.27 -9.32 -5.81
N LEU A 277 -8.79 -8.85 -4.67
CA LEU A 277 -8.29 -7.59 -4.09
C LEU A 277 -6.80 -7.66 -3.75
N ASN A 278 -6.36 -8.78 -3.16
CA ASN A 278 -4.93 -8.93 -2.86
C ASN A 278 -4.11 -8.84 -4.14
N PHE A 279 -4.55 -9.55 -5.18
CA PHE A 279 -3.89 -9.48 -6.48
C PHE A 279 -3.87 -8.07 -7.03
N CYS A 280 -4.95 -7.32 -6.85
CA CYS A 280 -4.94 -5.93 -7.30
C CYS A 280 -4.00 -5.08 -6.46
N MET A 281 -3.83 -5.46 -5.19
CA MET A 281 -2.87 -4.74 -4.36
C MET A 281 -1.47 -4.93 -4.90
N ALA A 282 -1.18 -6.12 -5.44
CA ALA A 282 0.13 -6.34 -6.02
C ALA A 282 0.28 -5.59 -7.34
N GLU A 283 -0.76 -5.60 -8.17
CA GLU A 283 -0.66 -5.06 -9.53
C GLU A 283 -0.98 -3.57 -9.64
N VAL A 284 -1.79 -2.99 -8.76
CA VAL A 284 -2.05 -1.55 -8.86
C VAL A 284 -1.68 -0.85 -7.56
N GLY A 285 -1.76 -1.54 -6.43
CA GLY A 285 -1.38 -0.90 -5.17
C GLY A 285 -2.54 -0.37 -4.35
N SER A 286 -2.49 -0.63 -3.04
CA SER A 286 -3.59 -0.26 -2.15
C SER A 286 -3.88 1.23 -2.19
N ASP A 287 -2.90 2.07 -2.53
CA ASP A 287 -3.15 3.50 -2.56
C ASP A 287 -4.13 3.89 -3.66
N ARG A 288 -4.34 3.01 -4.64
CA ARG A 288 -5.11 3.33 -5.84
C ARG A 288 -6.43 2.57 -5.90
N ILE A 289 -6.88 2.04 -4.76
CA ILE A 289 -8.09 1.24 -4.68
C ILE A 289 -9.05 1.90 -3.69
N LEU A 290 -10.32 2.02 -4.09
CA LEU A 290 -11.36 2.68 -3.31
C LEU A 290 -12.47 1.70 -3.05
N PHE A 291 -12.95 1.64 -1.81
CA PHE A 291 -14.16 0.88 -1.54
C PHE A 291 -15.33 1.47 -2.35
N SER A 292 -16.23 0.59 -2.78
CA SER A 292 -17.50 0.99 -3.37
C SER A 292 -18.38 -0.25 -3.47
N ILE A 293 -19.67 -0.03 -3.78
CA ILE A 293 -20.69 -1.05 -3.59
C ILE A 293 -21.33 -1.47 -4.91
N ASP A 294 -21.81 -0.51 -5.70
CA ASP A 294 -22.64 -0.71 -6.89
C ASP A 294 -24.12 -0.95 -6.49
N TYR A 295 -24.58 -0.25 -5.47
CA TYR A 295 -25.99 -0.28 -5.07
C TYR A 295 -26.83 0.48 -6.08
N PRO A 296 -28.07 0.05 -6.33
CA PRO A 296 -28.79 -1.08 -5.72
C PRO A 296 -28.68 -2.37 -6.51
N PHE A 297 -27.74 -2.43 -7.45
CA PHE A 297 -27.53 -3.67 -8.19
C PHE A 297 -26.85 -4.71 -7.32
N GLU A 298 -26.08 -4.23 -6.35
CA GLU A 298 -25.51 -5.02 -5.28
C GLU A 298 -26.06 -4.53 -3.96
N THR A 299 -26.07 -5.38 -2.94
CA THR A 299 -26.55 -4.96 -1.62
C THR A 299 -25.42 -4.38 -0.77
N PHE A 300 -25.80 -3.46 0.13
CA PHE A 300 -24.90 -3.02 1.20
C PHE A 300 -24.36 -4.20 1.99
N SER A 301 -25.22 -5.18 2.27
CA SER A 301 -24.84 -6.31 3.10
C SER A 301 -23.72 -7.11 2.44
N ASP A 302 -23.90 -7.48 1.17
CA ASP A 302 -22.84 -8.20 0.47
C ASP A 302 -21.53 -7.44 0.50
N ALA A 303 -21.58 -6.15 0.12
CA ALA A 303 -20.35 -5.38 -0.03
C ALA A 303 -19.70 -5.14 1.32
N CYS A 304 -20.49 -4.81 2.34
CA CYS A 304 -19.93 -4.33 3.60
C CYS A 304 -19.54 -5.48 4.52
N GLU A 305 -20.33 -6.56 4.56
CA GLU A 305 -19.91 -7.72 5.33
C GLU A 305 -18.63 -8.32 4.76
N TRP A 306 -18.49 -8.30 3.43
CA TRP A 306 -17.23 -8.74 2.83
C TRP A 306 -16.08 -7.88 3.32
N PHE A 307 -16.19 -6.56 3.13
CA PHE A 307 -15.05 -5.70 3.39
C PHE A 307 -14.75 -5.59 4.89
N ASP A 308 -15.78 -5.49 5.73
CA ASP A 308 -15.55 -5.36 7.17
C ASP A 308 -14.92 -6.60 7.77
N ASN A 309 -15.15 -7.76 7.17
CA ASN A 309 -14.68 -9.02 7.73
C ASN A 309 -13.52 -9.64 6.95
N ALA A 310 -13.06 -8.97 5.90
CA ALA A 310 -12.00 -9.53 5.08
C ALA A 310 -10.69 -9.50 5.83
N GLU A 311 -9.92 -10.57 5.74
CA GLU A 311 -8.58 -10.55 6.31
C GLU A 311 -7.74 -9.52 5.56
N LEU A 312 -7.31 -8.49 6.27
CA LEU A 312 -6.59 -7.40 5.63
C LEU A 312 -5.79 -6.66 6.71
N ASN A 313 -4.61 -6.18 6.33
CA ASN A 313 -3.85 -5.37 7.28
C ASN A 313 -4.61 -4.07 7.57
N GLY A 314 -4.32 -3.49 8.74
CA GLY A 314 -5.09 -2.35 9.20
C GLY A 314 -4.84 -1.10 8.38
N THR A 315 -3.60 -0.91 7.91
CA THR A 315 -3.28 0.28 7.12
C THR A 315 -4.10 0.33 5.83
N ASP A 316 -4.21 -0.80 5.13
CA ASP A 316 -4.88 -0.78 3.83
C ASP A 316 -6.40 -0.78 4.00
N ARG A 317 -6.93 -1.44 5.05
CA ARG A 317 -8.36 -1.35 5.32
C ARG A 317 -8.78 0.09 5.49
N LEU A 318 -7.99 0.88 6.22
CA LEU A 318 -8.36 2.28 6.43
C LEU A 318 -8.27 3.07 5.13
N LYS A 319 -7.25 2.77 4.31
CA LYS A 319 -7.06 3.52 3.07
C LYS A 319 -8.12 3.18 2.05
N ILE A 320 -8.34 1.90 1.80
CA ILE A 320 -9.34 1.50 0.82
C ILE A 320 -10.72 1.87 1.32
N GLY A 321 -10.95 1.75 2.63
CA GLY A 321 -12.26 2.00 3.18
C GLY A 321 -12.70 3.45 3.09
N ARG A 322 -11.76 4.39 3.30
CA ARG A 322 -12.16 5.80 3.29
C ARG A 322 -11.03 6.79 2.99
N GLU A 323 -9.80 6.52 3.46
CA GLU A 323 -8.79 7.58 3.43
C GLU A 323 -8.31 7.86 2.01
N ASN A 324 -8.24 6.85 1.13
CA ASN A 324 -7.93 7.14 -0.26
C ASN A 324 -8.93 8.13 -0.86
N ALA A 325 -10.22 7.89 -0.62
CA ALA A 325 -11.26 8.75 -1.19
C ALA A 325 -11.32 10.11 -0.49
N LYS A 326 -11.12 10.13 0.84
CA LYS A 326 -11.11 11.40 1.56
C LYS A 326 -10.10 12.36 0.94
N LYS A 327 -8.95 11.85 0.50
CA LYS A 327 -7.93 12.72 -0.07
C LYS A 327 -8.22 13.06 -1.53
N LEU A 328 -8.60 12.06 -2.33
CA LEU A 328 -8.82 12.31 -3.75
C LEU A 328 -9.96 13.29 -3.98
N PHE A 329 -11.00 13.21 -3.15
CA PHE A 329 -12.15 14.10 -3.28
C PHE A 329 -12.10 15.29 -2.32
N LYS A 330 -10.97 15.50 -1.63
CA LYS A 330 -10.80 16.59 -0.68
C LYS A 330 -12.01 16.76 0.23
N LEU A 331 -12.39 15.68 0.90
CA LEU A 331 -13.64 15.67 1.65
C LEU A 331 -13.47 16.33 3.01
N ASP A 332 -14.47 17.12 3.40
CA ASP A 332 -14.56 17.66 4.75
C ASP A 332 -14.99 16.55 5.70
N SER A 333 -15.26 16.91 6.95
CA SER A 333 -15.82 15.93 7.87
C SER A 333 -17.17 15.43 7.33
N TYR A 334 -17.46 14.17 7.64
CA TYR A 334 -18.75 13.56 7.36
C TYR A 334 -18.97 12.57 8.49
N LYS A 335 -20.14 11.95 8.51
CA LYS A 335 -20.46 11.01 9.58
C LYS A 335 -19.38 9.95 9.74
N ASP A 336 -18.76 9.90 10.93
CA ASP A 336 -17.77 8.92 11.30
C ASP A 336 -16.50 8.99 10.46
N SER A 337 -16.21 10.15 9.86
CA SER A 337 -15.05 10.26 8.98
C SER A 337 -13.73 10.04 9.70
N SER A 338 -13.72 10.13 11.03
CA SER A 338 -12.53 9.80 11.81
C SER A 338 -12.80 8.75 12.87
N ALA A 339 -13.92 8.04 12.80
CA ALA A 339 -14.33 7.07 13.83
C ALA A 339 -13.33 5.94 14.04
N HIS B 1 17.21 -0.97 -11.93
CA HIS B 1 16.73 0.23 -12.62
C HIS B 1 16.34 1.35 -11.65
N MET B 2 15.68 1.01 -10.54
CA MET B 2 15.33 2.02 -9.56
C MET B 2 16.59 2.54 -8.89
N LEU B 3 16.72 3.86 -8.84
CA LEU B 3 17.84 4.53 -8.21
C LEU B 3 17.45 5.08 -6.84
N GLY B 4 18.45 5.44 -6.06
CA GLY B 4 18.20 6.04 -4.76
C GLY B 4 17.54 5.13 -3.77
N LYS B 5 17.69 3.81 -3.93
CA LYS B 5 17.15 2.89 -2.95
C LYS B 5 17.87 3.07 -1.62
N ILE B 6 17.18 2.68 -0.55
CA ILE B 6 17.70 2.74 0.80
C ILE B 6 17.81 1.32 1.34
N ALA B 7 18.97 0.97 1.88
CA ALA B 7 19.17 -0.31 2.54
C ALA B 7 19.63 -0.03 3.97
N LEU B 8 19.19 -0.86 4.91
CA LEU B 8 19.46 -0.54 6.31
C LEU B 8 19.67 -1.76 7.19
N GLU B 9 19.98 -2.93 6.63
CA GLU B 9 20.45 -4.02 7.48
C GLU B 9 21.85 -4.43 7.01
N GLU B 10 22.78 -3.48 7.01
CA GLU B 10 24.04 -3.64 6.28
C GLU B 10 25.20 -3.54 7.26
N ALA B 11 25.95 -4.63 7.39
CA ALA B 11 26.86 -4.83 8.50
C ALA B 11 28.31 -4.48 8.14
N PHE B 12 29.04 -4.01 9.16
CA PHE B 12 30.48 -3.87 9.13
C PHE B 12 31.08 -4.52 10.37
N ALA B 13 32.39 -4.78 10.31
CA ALA B 13 33.13 -5.25 11.46
C ALA B 13 34.39 -4.40 11.63
N LEU B 14 34.88 -4.32 12.86
CA LEU B 14 36.13 -3.61 13.12
C LEU B 14 37.31 -4.39 12.52
N PRO B 15 38.29 -3.70 11.92
CA PRO B 15 39.44 -4.43 11.36
C PRO B 15 40.18 -5.29 12.37
N ARG B 16 40.18 -4.90 13.65
CA ARG B 16 40.92 -5.65 14.66
C ARG B 16 40.24 -6.93 15.11
N PHE B 17 39.11 -7.32 14.53
CA PHE B 17 38.44 -8.55 14.94
C PHE B 17 38.50 -9.61 13.84
N GLU B 18 39.62 -9.63 13.10
CA GLU B 18 39.70 -10.48 11.91
C GLU B 18 39.50 -11.96 12.25
N GLU B 19 40.08 -12.42 13.36
CA GLU B 19 39.91 -13.83 13.73
C GLU B 19 38.44 -14.15 14.01
N LYS B 20 37.76 -13.29 14.80
CA LYS B 20 36.34 -13.51 15.04
C LYS B 20 35.54 -13.44 13.75
N THR B 21 35.88 -12.50 12.87
CA THR B 21 35.19 -12.37 11.58
C THR B 21 35.32 -13.64 10.75
N ARG B 22 36.51 -14.26 10.76
CA ARG B 22 36.74 -15.43 9.93
C ARG B 22 36.03 -16.66 10.48
N TRP B 23 35.97 -16.80 11.80
CA TRP B 23 35.19 -17.89 12.36
C TRP B 23 33.72 -17.75 11.98
N TYR B 24 33.17 -16.55 12.17
CA TYR B 24 31.79 -16.31 11.77
C TYR B 24 31.59 -16.60 10.27
N ALA B 25 32.54 -16.17 9.44
CA ALA B 25 32.44 -16.43 8.01
C ALA B 25 32.45 -17.93 7.70
N SER B 26 33.17 -18.72 8.50
CA SER B 26 33.17 -20.16 8.28
C SER B 26 31.77 -20.74 8.46
N LEU B 27 30.90 -20.05 9.19
CA LEU B 27 29.52 -20.47 9.34
C LEU B 27 28.66 -19.97 8.17
N PHE B 28 28.87 -18.73 7.73
CA PHE B 28 27.86 -18.06 6.92
C PHE B 28 28.41 -17.48 5.62
N SER B 29 29.60 -17.89 5.18
CA SER B 29 30.09 -17.44 3.89
C SER B 29 30.69 -18.62 3.14
N THR B 30 30.58 -18.57 1.81
CA THR B 30 31.26 -19.53 0.94
C THR B 30 32.51 -18.94 0.30
N ASP B 31 32.91 -17.72 0.69
CA ASP B 31 34.10 -17.03 0.17
C ASP B 31 34.63 -16.17 1.32
N ALA B 32 35.38 -16.81 2.23
CA ALA B 32 35.84 -16.14 3.44
C ALA B 32 36.69 -14.90 3.12
N GLU B 33 37.55 -14.98 2.10
CA GLU B 33 38.44 -13.85 1.81
C GLU B 33 37.67 -12.62 1.37
N THR B 34 36.72 -12.78 0.44
CA THR B 34 35.89 -11.65 0.03
C THR B 34 35.03 -11.15 1.20
N HIS B 35 34.49 -12.07 2.00
CA HIS B 35 33.69 -11.66 3.16
C HIS B 35 34.50 -10.77 4.09
N VAL B 36 35.75 -11.13 4.37
CA VAL B 36 36.59 -10.36 5.28
C VAL B 36 36.82 -8.96 4.71
N LYS B 37 37.17 -8.90 3.44
CA LYS B 37 37.35 -7.60 2.78
C LYS B 37 36.06 -6.79 2.82
N GLU B 38 34.94 -7.42 2.47
CA GLU B 38 33.70 -6.66 2.32
C GLU B 38 33.15 -6.22 3.66
N ILE B 39 33.27 -7.05 4.70
CA ILE B 39 32.65 -6.68 5.96
C ILE B 39 33.46 -5.60 6.68
N THR B 40 34.74 -5.45 6.36
CA THR B 40 35.54 -4.39 6.98
C THR B 40 35.53 -3.12 6.14
N ASP B 41 35.39 -3.25 4.82
CA ASP B 41 35.37 -2.08 3.94
C ASP B 41 34.12 -1.25 4.16
N ILE B 42 34.29 0.07 4.13
CA ILE B 42 33.19 1.02 4.20
C ILE B 42 33.06 1.79 2.89
N ASN B 43 34.13 2.45 2.44
CA ASN B 43 34.02 3.55 1.51
C ASN B 43 34.48 3.25 0.09
N LYS B 44 34.90 2.02 -0.21
CA LYS B 44 35.36 1.68 -1.54
C LYS B 44 34.49 0.59 -2.16
N ILE B 45 34.67 -0.68 -1.76
CA ILE B 45 33.94 -1.77 -2.38
C ILE B 45 32.45 -1.58 -2.19
N ARG B 46 32.06 -1.15 -1.00
CA ARG B 46 30.65 -1.01 -0.65
C ARG B 46 29.99 0.06 -1.50
N ILE B 47 30.71 1.13 -1.81
CA ILE B 47 30.18 2.20 -2.67
C ILE B 47 30.11 1.73 -4.12
N GLU B 48 31.12 0.97 -4.59
CA GLU B 48 31.08 0.41 -5.94
C GLU B 48 29.85 -0.46 -6.12
N HIS B 49 29.59 -1.34 -5.14
CA HIS B 49 28.37 -2.14 -5.16
C HIS B 49 27.14 -1.25 -5.24
N ALA B 50 27.05 -0.27 -4.33
CA ALA B 50 25.89 0.61 -4.30
C ALA B 50 25.74 1.37 -5.60
N ASP B 51 26.85 1.83 -6.18
CA ASP B 51 26.77 2.57 -7.44
C ASP B 51 26.29 1.67 -8.57
N LYS B 52 26.72 0.43 -8.58
CA LYS B 52 26.28 -0.47 -9.64
C LYS B 52 24.80 -0.81 -9.51
N HIS B 53 24.28 -0.90 -8.29
CA HIS B 53 22.96 -1.49 -8.12
C HIS B 53 21.89 -0.49 -7.68
N GLY B 54 22.13 0.82 -7.86
CA GLY B 54 21.10 1.81 -7.61
C GLY B 54 20.71 2.00 -6.16
N VAL B 55 21.66 1.83 -5.25
CA VAL B 55 21.43 2.05 -3.82
C VAL B 55 22.04 3.40 -3.47
N GLY B 56 21.19 4.38 -3.17
CA GLY B 56 21.68 5.72 -2.93
C GLY B 56 22.20 5.92 -1.52
N TYR B 57 21.51 5.34 -0.53
CA TYR B 57 21.82 5.58 0.88
C TYR B 57 21.73 4.26 1.64
N GLN B 58 22.67 4.07 2.58
CA GLN B 58 22.70 2.91 3.44
C GLN B 58 22.89 3.32 4.88
N ILE B 59 22.18 2.66 5.78
CA ILE B 59 22.37 2.86 7.21
C ILE B 59 23.14 1.65 7.73
N LEU B 60 24.39 1.89 8.13
CA LEU B 60 25.26 0.79 8.50
C LEU B 60 25.09 0.45 9.97
N SER B 61 25.39 -0.81 10.30
CA SER B 61 25.23 -1.34 11.64
C SER B 61 26.31 -2.39 11.87
N TYR B 62 26.51 -2.75 13.13
CA TYR B 62 27.61 -3.66 13.45
C TYR B 62 27.18 -5.11 13.29
N THR B 63 28.10 -5.93 12.81
CA THR B 63 27.82 -7.34 12.58
C THR B 63 27.32 -8.02 13.86
N ALA B 64 26.58 -9.08 13.68
CA ALA B 64 26.22 -9.93 14.79
C ALA B 64 27.32 -10.94 15.03
N PRO B 65 27.42 -11.50 16.25
CA PRO B 65 26.65 -11.20 17.46
C PRO B 65 27.01 -9.84 18.04
N GLY B 66 28.15 -9.29 17.65
CA GLY B 66 28.48 -7.91 18.00
C GLY B 66 28.64 -7.73 19.50
N VAL B 67 28.16 -6.59 20.01
CA VAL B 67 28.32 -6.28 21.43
C VAL B 67 27.47 -7.21 22.29
N GLN B 68 26.36 -7.71 21.73
CA GLN B 68 25.51 -8.64 22.48
C GLN B 68 26.22 -9.94 22.83
N ASP B 69 27.39 -10.21 22.22
CA ASP B 69 28.16 -11.38 22.61
C ASP B 69 28.95 -11.18 23.90
N ILE B 70 29.03 -9.95 24.41
CA ILE B 70 29.97 -9.59 25.46
C ILE B 70 29.23 -9.50 26.78
N TRP B 71 29.49 -10.47 27.66
CA TRP B 71 28.79 -10.54 28.93
C TRP B 71 29.51 -9.78 30.05
N ASP B 72 30.75 -9.35 29.84
CA ASP B 72 31.41 -8.41 30.74
C ASP B 72 30.88 -7.02 30.43
N PRO B 73 30.13 -6.40 31.34
CA PRO B 73 29.48 -5.12 30.99
C PRO B 73 30.44 -3.98 30.75
N VAL B 74 31.60 -3.98 31.40
CA VAL B 74 32.54 -2.88 31.20
C VAL B 74 33.20 -2.98 29.83
N GLU B 75 33.63 -4.19 29.45
CA GLU B 75 34.16 -4.41 28.11
C GLU B 75 33.09 -4.16 27.04
N ALA B 76 31.86 -4.61 27.29
CA ALA B 76 30.78 -4.45 26.32
C ALA B 76 30.50 -2.98 26.04
N GLN B 77 30.40 -2.16 27.09
CA GLN B 77 30.19 -0.73 26.91
C GLN B 77 31.37 -0.07 26.19
N ALA B 78 32.59 -0.46 26.55
CA ALA B 78 33.74 0.13 25.88
C ALA B 78 33.77 -0.26 24.41
N LEU B 79 33.42 -1.51 24.08
CA LEU B 79 33.37 -1.93 22.68
C LEU B 79 32.36 -1.10 21.90
N ALA B 80 31.16 -0.89 22.46
CA ALA B 80 30.15 -0.13 21.74
C ALA B 80 30.59 1.32 21.52
N VAL B 81 31.15 1.95 22.56
CA VAL B 81 31.64 3.32 22.41
C VAL B 81 32.65 3.40 21.28
N GLU B 82 33.58 2.43 21.24
CA GLU B 82 34.60 2.38 20.21
C GLU B 82 33.98 2.24 18.82
N ILE B 83 33.07 1.28 18.66
CA ILE B 83 32.43 1.07 17.36
C ILE B 83 31.74 2.34 16.88
N ASN B 84 30.97 2.98 17.77
CA ASN B 84 30.21 4.17 17.39
C ASN B 84 31.13 5.29 16.94
N ASP B 85 32.22 5.52 17.68
CA ASP B 85 33.16 6.57 17.28
C ASP B 85 33.82 6.20 15.96
N TYR B 86 34.20 4.93 15.80
CA TYR B 86 34.81 4.46 14.56
C TYR B 86 33.88 4.67 13.36
N ILE B 87 32.64 4.17 13.45
CA ILE B 87 31.78 4.26 12.26
C ILE B 87 31.41 5.70 11.96
N ALA B 88 31.34 6.55 12.99
CA ALA B 88 31.01 7.95 12.75
C ALA B 88 32.09 8.63 11.92
N GLU B 89 33.35 8.28 12.19
CA GLU B 89 34.44 8.81 11.38
C GLU B 89 34.36 8.31 9.95
N GLN B 90 34.16 7.00 9.79
CA GLN B 90 34.16 6.40 8.45
C GLN B 90 33.07 6.96 7.56
N VAL B 91 31.88 7.23 8.11
CA VAL B 91 30.78 7.67 7.24
C VAL B 91 30.88 9.13 6.84
N ARG B 92 31.77 9.89 7.48
CA ARG B 92 31.96 11.28 7.06
C ARG B 92 32.56 11.36 5.66
N VAL B 93 33.19 10.28 5.20
CA VAL B 93 33.75 10.25 3.85
C VAL B 93 32.64 10.42 2.80
N ASN B 94 31.45 9.86 3.07
CA ASN B 94 30.35 9.87 2.10
C ASN B 94 29.03 10.12 2.84
N PRO B 95 28.84 11.33 3.37
CA PRO B 95 27.63 11.57 4.18
C PRO B 95 26.33 11.49 3.39
N ASP B 96 26.38 11.64 2.07
CA ASP B 96 25.20 11.49 1.24
C ASP B 96 24.98 10.06 0.78
N ARG B 97 25.83 9.12 1.19
CA ARG B 97 25.63 7.70 0.93
C ARG B 97 25.46 6.85 2.18
N PHE B 98 25.82 7.35 3.36
CA PHE B 98 25.90 6.50 4.54
C PHE B 98 25.33 7.22 5.76
N GLY B 99 24.48 6.51 6.50
CA GLY B 99 24.20 6.82 7.88
C GLY B 99 24.59 5.60 8.72
N ALA B 100 24.37 5.71 10.02
CA ALA B 100 24.68 4.61 10.91
C ALA B 100 23.63 4.47 12.00
N PHE B 101 23.43 3.23 12.44
CA PHE B 101 22.70 2.95 13.66
C PHE B 101 23.68 2.89 14.82
N ALA B 102 23.20 3.28 16.00
CA ALA B 102 24.01 3.12 17.21
C ALA B 102 24.24 1.64 17.49
N THR B 103 25.45 1.32 17.90
CA THR B 103 25.75 0.02 18.47
C THR B 103 25.77 0.17 19.98
N LEU B 104 25.11 -0.73 20.69
CA LEU B 104 24.85 -0.55 22.11
C LEU B 104 25.21 -1.79 22.90
N SER B 105 25.79 -1.56 24.08
CA SER B 105 25.73 -2.57 25.13
C SER B 105 24.38 -2.45 25.80
N MET B 106 23.71 -3.59 25.98
CA MET B 106 22.37 -3.61 26.55
C MET B 106 22.34 -4.28 27.92
N HIS B 107 23.42 -4.18 28.70
CA HIS B 107 23.40 -4.67 30.06
C HIS B 107 22.57 -3.79 30.98
N ASN B 108 22.49 -2.50 30.68
CA ASN B 108 21.86 -1.56 31.60
C ASN B 108 21.01 -0.57 30.84
N PRO B 109 19.71 -0.45 31.17
CA PRO B 109 18.83 0.43 30.40
C PRO B 109 19.34 1.87 30.28
N LYS B 110 19.76 2.51 31.38
CA LYS B 110 20.22 3.90 31.30
C LYS B 110 21.51 4.02 30.52
N GLU B 111 22.47 3.11 30.75
CA GLU B 111 23.71 3.15 29.99
C GLU B 111 23.44 3.11 28.49
N ALA B 112 22.57 2.21 28.05
CA ALA B 112 22.23 2.14 26.64
C ALA B 112 21.55 3.41 26.16
N ALA B 113 20.61 3.94 26.95
CA ALA B 113 19.94 5.18 26.57
C ALA B 113 20.95 6.30 26.36
N ASP B 114 21.91 6.42 27.27
CA ASP B 114 22.89 7.50 27.17
C ASP B 114 23.70 7.38 25.90
N GLU B 115 24.16 6.17 25.59
CA GLU B 115 25.00 6.00 24.41
C GLU B 115 24.20 6.19 23.12
N LEU B 116 22.95 5.72 23.09
CA LEU B 116 22.08 6.03 21.97
C LEU B 116 21.89 7.54 21.83
N ARG B 117 21.66 8.22 22.96
CA ARG B 117 21.52 9.67 22.92
C ARG B 117 22.78 10.35 22.39
N ARG B 118 23.94 9.91 22.89
CA ARG B 118 25.20 10.44 22.38
C ARG B 118 25.32 10.22 20.88
N CYS B 119 25.04 9.00 20.42
CA CYS B 119 25.15 8.70 18.99
C CYS B 119 24.25 9.60 18.16
N VAL B 120 23.01 9.81 18.61
CA VAL B 120 22.06 10.60 17.83
C VAL B 120 22.42 12.08 17.89
N GLU B 121 22.69 12.59 19.10
CA GLU B 121 22.93 14.01 19.26
C GLU B 121 24.30 14.41 18.71
N LYS B 122 25.33 13.64 19.03
CA LYS B 122 26.67 14.02 18.58
C LYS B 122 26.90 13.68 17.12
N TYR B 123 26.40 12.53 16.66
CA TYR B 123 26.78 12.02 15.36
C TYR B 123 25.63 11.97 14.36
N GLY B 124 24.41 12.26 14.78
CA GLY B 124 23.29 12.14 13.87
C GLY B 124 22.95 10.71 13.49
N PHE B 125 23.21 9.74 14.37
CA PHE B 125 22.85 8.38 14.04
C PHE B 125 21.32 8.26 13.93
N LYS B 126 20.89 7.26 13.17
CA LYS B 126 19.49 7.15 12.73
C LYS B 126 18.63 6.31 13.65
N GLY B 127 19.20 5.74 14.69
CA GLY B 127 18.48 4.85 15.58
C GLY B 127 19.45 3.82 16.12
N ALA B 128 18.91 2.72 16.64
CA ALA B 128 19.73 1.67 17.21
C ALA B 128 19.49 0.36 16.48
N LEU B 129 20.53 -0.46 16.40
CA LEU B 129 20.45 -1.82 15.90
C LEU B 129 21.11 -2.74 16.90
N VAL B 130 20.35 -3.70 17.40
CA VAL B 130 20.77 -4.56 18.51
C VAL B 130 20.51 -5.99 18.08
N ASN B 131 21.45 -6.87 18.40
CA ASN B 131 21.33 -8.28 18.00
C ASN B 131 20.67 -9.05 19.14
N ASP B 132 19.35 -8.93 19.23
CA ASP B 132 18.49 -9.69 20.15
C ASP B 132 18.99 -9.47 21.58
N THR B 133 19.03 -10.51 22.42
CA THR B 133 19.30 -10.34 23.84
C THR B 133 20.78 -10.12 24.11
N GLN B 134 21.06 -9.42 25.21
CA GLN B 134 22.44 -9.16 25.63
C GLN B 134 22.94 -10.35 26.46
N ARG B 135 24.09 -10.89 26.07
CA ARG B 135 24.68 -11.98 26.85
C ARG B 135 25.16 -11.47 28.19
N ALA B 136 24.82 -12.19 29.25
CA ALA B 136 25.13 -11.76 30.60
C ALA B 136 25.37 -12.99 31.48
N GLY B 137 25.70 -12.75 32.75
CA GLY B 137 25.94 -13.81 33.69
C GLY B 137 27.35 -14.31 33.63
N PRO B 138 27.73 -15.18 34.59
CA PRO B 138 29.15 -15.51 34.78
C PRO B 138 29.83 -16.05 33.54
N ASP B 139 29.16 -16.91 32.76
CA ASP B 139 29.77 -17.51 31.57
C ASP B 139 29.07 -17.08 30.29
N GLY B 140 28.31 -15.98 30.33
CA GLY B 140 27.55 -15.53 29.18
C GLY B 140 26.27 -16.31 28.89
N ASP B 141 25.89 -17.25 29.74
CA ASP B 141 24.74 -18.09 29.44
C ASP B 141 23.41 -17.47 29.87
N ASP B 142 23.43 -16.30 30.48
CA ASP B 142 22.18 -15.60 30.74
C ASP B 142 21.88 -14.63 29.60
N MET B 143 20.59 -14.34 29.41
CA MET B 143 20.12 -13.45 28.35
C MET B 143 19.31 -12.33 28.96
N ILE B 144 19.58 -11.10 28.53
CA ILE B 144 18.81 -9.94 28.95
C ILE B 144 17.85 -9.56 27.82
N PHE B 145 16.54 -9.69 28.08
CA PHE B 145 15.47 -9.21 27.24
C PHE B 145 15.10 -7.77 27.63
N TYR B 146 14.52 -7.04 26.67
CA TYR B 146 14.15 -5.65 26.90
C TYR B 146 12.64 -5.45 26.99
N ASP B 147 11.85 -6.52 27.05
CA ASP B 147 10.40 -6.36 27.10
C ASP B 147 9.87 -6.31 28.53
N ASN B 148 10.40 -5.39 29.35
CA ASN B 148 9.87 -5.20 30.70
C ASN B 148 10.02 -3.74 31.12
N ALA B 149 9.49 -3.43 32.31
CA ALA B 149 9.40 -2.05 32.79
C ALA B 149 10.77 -1.43 33.06
N ASP B 150 11.78 -2.25 33.40
CA ASP B 150 13.11 -1.69 33.63
C ASP B 150 13.61 -0.94 32.40
N TRP B 151 13.18 -1.35 31.21
CA TRP B 151 13.63 -0.75 29.98
C TRP B 151 12.77 0.43 29.53
N ASP B 152 11.83 0.89 30.38
CA ASP B 152 11.00 2.03 29.99
C ASP B 152 11.84 3.27 29.72
N ILE B 153 12.87 3.50 30.54
CA ILE B 153 13.72 4.66 30.33
C ILE B 153 14.40 4.60 28.96
N PHE B 154 14.72 3.39 28.49
CA PHE B 154 15.36 3.26 27.20
C PHE B 154 14.38 3.53 26.06
N TRP B 155 13.21 2.88 26.10
CA TRP B 155 12.24 3.07 25.04
C TRP B 155 11.78 4.52 24.97
N GLN B 156 11.58 5.16 26.13
CA GLN B 156 11.26 6.58 26.16
C GLN B 156 12.35 7.42 25.52
N THR B 157 13.62 6.99 25.61
CA THR B 157 14.68 7.72 24.94
C THR B 157 14.58 7.57 23.42
N CYS B 158 14.15 6.39 22.96
CA CYS B 158 13.92 6.18 21.53
C CYS B 158 12.82 7.09 21.01
N THR B 159 11.71 7.23 21.77
CA THR B 159 10.61 8.05 21.29
C THR B 159 10.90 9.54 21.43
N GLU B 160 11.63 9.93 22.48
CA GLU B 160 12.04 11.33 22.61
C GLU B 160 12.90 11.75 21.42
N LEU B 161 13.96 10.99 21.13
CA LEU B 161 14.75 11.25 19.94
C LEU B 161 13.99 10.93 18.65
N ASP B 162 12.91 10.16 18.73
CA ASP B 162 12.11 9.78 17.57
C ASP B 162 12.96 9.04 16.53
N VAL B 163 13.62 7.99 16.99
CA VAL B 163 14.45 7.15 16.13
C VAL B 163 13.97 5.71 16.30
N PRO B 164 14.06 4.88 15.28
CA PRO B 164 13.61 3.49 15.40
C PRO B 164 14.69 2.59 16.00
N PHE B 165 14.24 1.43 16.45
CA PHE B 165 15.09 0.38 17.00
C PHE B 165 14.92 -0.86 16.12
N TYR B 166 16.04 -1.38 15.59
CA TYR B 166 16.06 -2.54 14.71
C TYR B 166 16.46 -3.77 15.52
N MET B 167 15.57 -4.76 15.59
CA MET B 167 15.83 -5.96 16.37
C MET B 167 16.40 -7.02 15.44
N HIS B 168 17.67 -7.12 15.41
CA HIS B 168 18.42 -8.04 14.56
C HIS B 168 18.67 -9.36 15.29
N PRO B 169 18.79 -10.47 14.57
CA PRO B 169 19.07 -11.75 15.22
C PRO B 169 20.53 -11.92 15.62
N ARG B 170 20.78 -12.95 16.43
CA ARG B 170 22.12 -13.46 16.67
C ARG B 170 22.04 -14.96 16.95
N ASN B 171 23.20 -15.62 16.88
CA ASN B 171 23.24 -17.07 17.02
C ASN B 171 22.86 -17.52 18.45
N PRO B 172 22.32 -18.73 18.59
CA PRO B 172 22.12 -19.28 19.95
C PRO B 172 23.44 -19.71 20.57
N THR B 173 23.53 -19.58 21.90
CA THR B 173 24.75 -19.91 22.64
C THR B 173 24.43 -20.75 23.87
N GLY B 174 25.50 -21.23 24.51
CA GLY B 174 25.42 -21.91 25.79
C GLY B 174 24.36 -23.00 25.85
N THR B 175 23.56 -22.96 26.93
CA THR B 175 22.55 -23.97 27.19
C THR B 175 21.55 -24.09 26.05
N ILE B 176 21.04 -22.97 25.55
CA ILE B 176 20.05 -23.06 24.47
C ILE B 176 20.66 -23.74 23.25
N TYR B 177 21.89 -23.33 22.87
CA TYR B 177 22.54 -23.94 21.71
C TYR B 177 22.73 -25.44 21.92
N GLU B 178 23.21 -25.83 23.10
CA GLU B 178 23.44 -27.25 23.38
C GLU B 178 22.14 -28.03 23.35
N LYS B 179 21.08 -27.48 23.97
CA LYS B 179 19.85 -28.24 24.11
C LYS B 179 19.09 -28.39 22.79
N LEU B 180 18.99 -27.31 22.02
CA LEU B 180 18.09 -27.33 20.86
C LEU B 180 18.80 -27.41 19.51
N TRP B 181 20.03 -26.93 19.40
CA TRP B 181 20.62 -26.66 18.10
C TRP B 181 21.83 -27.53 17.74
N ALA B 182 22.65 -27.95 18.72
CA ALA B 182 23.88 -28.67 18.40
C ALA B 182 23.62 -29.92 17.56
N ASP B 183 22.53 -30.64 17.84
CA ASP B 183 22.25 -31.84 17.06
C ASP B 183 21.60 -31.55 15.71
N ARG B 184 21.47 -30.29 15.33
CA ARG B 184 20.90 -29.89 14.05
C ARG B 184 21.47 -28.53 13.71
N LYS B 185 22.81 -28.46 13.73
CA LYS B 185 23.53 -27.20 13.69
C LYS B 185 23.34 -26.45 12.38
N TRP B 186 23.06 -27.15 11.29
CA TRP B 186 22.85 -26.45 10.01
C TRP B 186 21.62 -25.55 10.01
N LEU B 187 20.75 -25.67 11.01
CA LEU B 187 19.60 -24.77 11.15
C LEU B 187 19.95 -23.45 11.85
N VAL B 188 21.16 -23.33 12.39
CA VAL B 188 21.55 -22.10 13.06
C VAL B 188 21.71 -20.99 12.02
N GLY B 189 21.29 -19.78 12.37
CA GLY B 189 21.41 -18.66 11.46
C GLY B 189 20.14 -18.43 10.64
N PRO B 190 20.31 -18.04 9.38
CA PRO B 190 19.15 -17.72 8.53
C PRO B 190 18.15 -18.86 8.38
N PRO B 191 18.57 -20.14 8.28
CA PRO B 191 17.56 -21.20 8.07
C PRO B 191 16.46 -21.25 9.13
N LEU B 192 16.72 -20.88 10.37
CA LEU B 192 15.66 -21.05 11.37
C LEU B 192 15.88 -20.29 12.68
N SER B 193 17.06 -20.40 13.29
CA SER B 193 17.20 -19.95 14.68
C SER B 193 17.12 -18.44 14.80
N PHE B 194 17.57 -17.71 13.77
CA PHE B 194 17.50 -16.25 13.77
C PHE B 194 16.07 -15.75 13.98
N ALA B 195 15.12 -16.25 13.19
CA ALA B 195 13.74 -15.80 13.32
C ALA B 195 13.16 -16.18 14.68
N HIS B 196 13.47 -17.38 15.16
CA HIS B 196 12.92 -17.82 16.44
C HIS B 196 13.31 -16.86 17.56
N GLY B 197 14.52 -16.32 17.52
CA GLY B 197 14.95 -15.38 18.54
C GLY B 197 14.28 -14.03 18.42
N VAL B 198 14.27 -13.45 17.21
CA VAL B 198 13.75 -12.09 17.06
C VAL B 198 12.24 -12.06 17.28
N SER B 199 11.52 -13.04 16.73
CA SER B 199 10.06 -13.08 16.89
C SER B 199 9.67 -13.23 18.35
N LEU B 200 10.37 -14.10 19.10
CA LEU B 200 10.16 -14.19 20.54
C LEU B 200 10.32 -12.83 21.21
N HIS B 201 11.41 -12.12 20.87
CA HIS B 201 11.71 -10.85 21.53
C HIS B 201 10.68 -9.77 21.18
N VAL B 202 10.28 -9.70 19.91
CA VAL B 202 9.41 -8.61 19.51
C VAL B 202 7.98 -8.88 19.97
N LEU B 203 7.51 -10.11 19.83
CA LEU B 203 6.20 -10.45 20.37
C LEU B 203 6.18 -10.32 21.89
N GLY B 204 7.32 -10.59 22.54
CA GLY B 204 7.42 -10.28 23.95
C GLY B 204 7.13 -8.82 24.23
N MET B 205 7.76 -7.93 23.46
CA MET B 205 7.47 -6.51 23.59
C MET B 205 5.98 -6.24 23.37
N VAL B 206 5.38 -6.93 22.40
CA VAL B 206 3.95 -6.76 22.14
C VAL B 206 3.14 -7.11 23.38
N THR B 207 3.32 -8.33 23.91
CA THR B 207 2.45 -8.84 24.95
C THR B 207 2.81 -8.32 26.33
N ASN B 208 3.97 -7.69 26.49
CA ASN B 208 4.35 -7.08 27.76
C ASN B 208 4.08 -5.57 27.76
N GLY B 209 3.37 -5.07 26.75
CA GLY B 209 2.87 -3.72 26.79
C GLY B 209 3.87 -2.63 26.45
N VAL B 210 5.01 -2.99 25.85
CA VAL B 210 5.99 -1.97 25.50
C VAL B 210 5.39 -0.93 24.58
N PHE B 211 4.62 -1.36 23.57
CA PHE B 211 4.02 -0.39 22.64
C PHE B 211 2.77 0.27 23.21
N ASP B 212 2.25 -0.22 24.34
CA ASP B 212 1.22 0.50 25.08
C ASP B 212 1.84 1.64 25.89
N ARG B 213 2.94 1.36 26.60
CA ARG B 213 3.59 2.42 27.36
C ARG B 213 4.31 3.40 26.43
N HIS B 214 4.73 2.94 25.25
CA HIS B 214 5.50 3.75 24.31
C HIS B 214 4.84 3.69 22.95
N PRO B 215 3.69 4.36 22.80
CA PRO B 215 2.90 4.19 21.58
C PRO B 215 3.61 4.69 20.33
N LYS B 216 4.59 5.57 20.46
CA LYS B 216 5.29 6.07 19.29
C LYS B 216 6.54 5.26 18.93
N LEU B 217 6.87 4.22 19.70
CA LEU B 217 8.09 3.47 19.45
C LEU B 217 8.00 2.73 18.12
N GLN B 218 9.02 2.89 17.28
CA GLN B 218 9.09 2.18 16.01
C GLN B 218 10.14 1.09 16.12
N ILE B 219 9.72 -0.14 15.81
CA ILE B 219 10.58 -1.32 15.89
C ILE B 219 10.65 -1.97 14.52
N ILE B 220 11.86 -2.34 14.10
CA ILE B 220 12.10 -2.88 12.77
C ILE B 220 12.61 -4.31 12.88
N MET B 221 12.04 -5.20 12.08
CA MET B 221 12.50 -6.57 11.94
C MET B 221 12.96 -6.80 10.50
N GLY B 222 14.06 -7.54 10.35
CA GLY B 222 14.51 -7.93 9.04
C GLY B 222 13.84 -9.21 8.54
N HIS B 223 14.18 -9.60 7.31
CA HIS B 223 13.81 -10.92 6.78
C HIS B 223 12.30 -11.09 6.72
N LEU B 224 11.62 -10.01 6.33
CA LEU B 224 10.18 -9.99 6.14
C LEU B 224 9.44 -10.37 7.43
N GLY B 225 10.03 -10.03 8.56
CA GLY B 225 9.36 -10.13 9.84
C GLY B 225 9.50 -11.43 10.57
N GLU B 226 10.49 -12.25 10.24
CA GLU B 226 10.87 -13.39 11.06
C GLU B 226 9.65 -14.26 11.38
N HIS B 227 8.94 -14.67 10.31
CA HIS B 227 7.82 -15.60 10.35
C HIS B 227 6.51 -14.95 10.81
N VAL B 228 6.58 -13.77 11.43
CA VAL B 228 5.40 -13.22 12.09
C VAL B 228 4.26 -12.94 11.10
N PRO B 229 4.49 -12.35 9.92
CA PRO B 229 3.37 -12.20 8.96
C PRO B 229 2.65 -13.49 8.62
N PHE B 230 3.38 -14.61 8.54
CA PHE B 230 2.76 -15.89 8.22
C PHE B 230 1.66 -16.24 9.22
N ASP B 231 1.85 -15.87 10.49
CA ASP B 231 0.88 -16.22 11.53
C ASP B 231 0.04 -15.05 11.98
N MET B 232 -0.04 -13.99 11.18
CA MET B 232 -0.84 -12.85 11.60
C MET B 232 -2.26 -13.27 11.95
N TRP B 233 -2.87 -14.11 11.11
CA TRP B 233 -4.22 -14.57 11.42
C TRP B 233 -4.22 -15.42 12.67
N ARG B 234 -3.23 -16.31 12.81
CA ARG B 234 -3.19 -17.24 13.93
C ARG B 234 -2.93 -16.52 15.25
N ILE B 235 -1.98 -15.58 15.26
CA ILE B 235 -1.69 -14.82 16.47
C ILE B 235 -2.88 -13.96 16.85
N ASN B 236 -3.45 -13.24 15.88
CA ASN B 236 -4.60 -12.39 16.17
C ASN B 236 -5.76 -13.19 16.74
N HIS B 237 -6.05 -14.35 16.14
CA HIS B 237 -7.07 -15.26 16.64
C HIS B 237 -6.76 -15.68 18.07
N TRP B 238 -5.54 -16.13 18.33
CA TRP B 238 -5.26 -16.65 19.66
C TRP B 238 -5.02 -15.54 20.69
N PHE B 239 -4.90 -14.29 20.24
CA PHE B 239 -4.98 -13.15 21.15
C PHE B 239 -6.44 -12.77 21.41
N GLU B 240 -7.09 -12.19 20.40
CA GLU B 240 -8.40 -11.57 20.60
C GLU B 240 -9.49 -12.56 20.98
N ASP B 241 -9.41 -13.81 20.49
CA ASP B 241 -10.45 -14.77 20.77
C ASP B 241 -10.07 -15.76 21.86
N ARG B 242 -8.84 -15.70 22.38
CA ARG B 242 -8.45 -16.63 23.45
C ARG B 242 -7.75 -15.90 24.60
N LYS B 243 -6.44 -15.66 24.45
CA LYS B 243 -5.66 -15.19 25.60
C LYS B 243 -6.16 -13.85 26.12
N LYS B 244 -6.71 -12.98 25.26
CA LYS B 244 -7.24 -11.71 25.72
C LYS B 244 -8.47 -11.86 26.60
N LEU B 245 -9.00 -13.08 26.74
CA LEU B 245 -10.06 -13.34 27.70
C LEU B 245 -9.55 -14.04 28.95
N LEU B 246 -8.26 -14.35 28.99
CA LEU B 246 -7.67 -15.08 30.10
C LEU B 246 -6.65 -14.25 30.87
N GLY B 247 -6.48 -12.97 30.54
CA GLY B 247 -5.56 -12.13 31.26
C GLY B 247 -4.55 -11.37 30.41
N LEU B 248 -4.35 -11.76 29.14
CA LEU B 248 -3.40 -11.03 28.30
C LEU B 248 -3.77 -9.55 28.14
N ALA B 249 -5.07 -9.24 28.13
CA ALA B 249 -5.48 -7.85 27.95
C ALA B 249 -4.99 -6.93 29.06
N GLU B 250 -4.50 -7.48 30.18
CA GLU B 250 -3.98 -6.63 31.25
C GLU B 250 -2.73 -5.88 30.80
N THR B 251 -1.93 -6.47 29.91
CA THR B 251 -0.64 -5.89 29.53
C THR B 251 -0.52 -5.72 28.03
N CYS B 252 -1.62 -5.66 27.29
CA CYS B 252 -1.54 -5.63 25.83
C CYS B 252 -2.90 -5.15 25.32
N LYS B 253 -2.98 -3.87 24.96
CA LYS B 253 -4.25 -3.21 24.79
C LYS B 253 -4.70 -3.09 23.34
N LYS B 254 -3.85 -3.41 22.38
CA LYS B 254 -4.20 -3.32 20.97
C LYS B 254 -4.06 -4.71 20.35
N THR B 255 -4.57 -4.86 19.13
CA THR B 255 -4.41 -6.11 18.40
C THR B 255 -3.04 -6.17 17.74
N ILE B 256 -2.63 -7.39 17.39
CA ILE B 256 -1.35 -7.54 16.72
C ILE B 256 -1.35 -6.80 15.38
N ARG B 257 -2.52 -6.69 14.72
CA ARG B 257 -2.59 -5.91 13.50
C ARG B 257 -2.38 -4.42 13.77
N ASP B 258 -2.96 -3.91 14.86
CA ASP B 258 -2.74 -2.51 15.23
C ASP B 258 -1.25 -2.23 15.38
N TYR B 259 -0.52 -3.14 16.05
CA TYR B 259 0.90 -2.89 16.31
C TYR B 259 1.69 -2.91 15.01
N PHE B 260 1.28 -3.72 14.03
CA PHE B 260 1.97 -3.65 12.75
C PHE B 260 1.62 -2.39 11.98
N ALA B 261 0.44 -1.82 12.20
CA ALA B 261 0.09 -0.55 11.55
C ALA B 261 0.77 0.63 12.21
N GLU B 262 1.00 0.59 13.52
CA GLU B 262 1.43 1.77 14.24
C GLU B 262 2.87 1.73 14.72
N ASN B 263 3.48 0.53 14.91
CA ASN B 263 4.76 0.39 15.60
C ASN B 263 5.82 -0.44 14.88
N ILE B 264 5.42 -1.52 14.19
CA ILE B 264 6.39 -2.50 13.71
C ILE B 264 6.58 -2.36 12.20
N TRP B 265 7.83 -2.42 11.77
CA TRP B 265 8.22 -2.43 10.37
C TRP B 265 8.95 -3.74 10.06
N ILE B 266 8.88 -4.18 8.80
CA ILE B 266 9.67 -5.31 8.33
C ILE B 266 10.51 -4.89 7.13
N THR B 267 11.63 -5.57 6.92
CA THR B 267 12.45 -5.29 5.74
C THR B 267 12.64 -6.56 4.91
N THR B 268 13.13 -6.36 3.69
CA THR B 268 13.27 -7.47 2.75
C THR B 268 14.65 -8.13 2.82
N SER B 269 15.43 -7.84 3.85
CA SER B 269 16.77 -8.39 3.96
C SER B 269 16.75 -9.92 3.94
N GLY B 270 17.60 -10.50 3.10
CA GLY B 270 17.76 -11.95 3.05
C GLY B 270 16.52 -12.72 2.67
N HIS B 271 15.55 -12.08 2.02
CA HIS B 271 14.29 -12.75 1.69
C HIS B 271 13.79 -12.15 0.37
N PHE B 272 14.47 -12.52 -0.72
CA PHE B 272 14.23 -11.89 -2.02
C PHE B 272 13.20 -12.71 -2.79
N SER B 273 11.98 -12.72 -2.26
CA SER B 273 10.89 -13.55 -2.75
C SER B 273 9.68 -12.67 -3.02
N THR B 274 9.29 -12.54 -4.30
CA THR B 274 8.14 -11.71 -4.64
C THR B 274 6.85 -12.33 -4.10
N THR B 275 6.76 -13.65 -4.14
CA THR B 275 5.59 -14.35 -3.61
C THR B 275 5.41 -14.06 -2.13
N THR B 276 6.49 -14.06 -1.36
CA THR B 276 6.38 -13.77 0.07
C THR B 276 6.14 -12.28 0.29
N LEU B 277 6.83 -11.46 -0.51
CA LEU B 277 6.60 -10.02 -0.46
C LEU B 277 5.13 -9.69 -0.67
N ASN B 278 4.50 -10.29 -1.69
CA ASN B 278 3.09 -10.02 -1.94
C ASN B 278 2.25 -10.44 -0.75
N PHE B 279 2.52 -11.62 -0.21
CA PHE B 279 1.80 -12.08 0.97
C PHE B 279 1.99 -11.11 2.14
N CYS B 280 3.20 -10.56 2.28
CA CYS B 280 3.45 -9.59 3.35
C CYS B 280 2.73 -8.29 3.07
N MET B 281 2.64 -7.89 1.81
CA MET B 281 1.88 -6.69 1.52
C MET B 281 0.42 -6.84 1.97
N ALA B 282 -0.15 -8.04 1.88
CA ALA B 282 -1.52 -8.22 2.34
C ALA B 282 -1.60 -8.24 3.86
N GLU B 283 -0.69 -8.96 4.53
CA GLU B 283 -0.78 -9.12 5.98
C GLU B 283 -0.25 -7.93 6.77
N VAL B 284 0.64 -7.10 6.20
CA VAL B 284 1.17 -5.96 6.94
C VAL B 284 1.05 -4.65 6.18
N GLY B 285 0.88 -4.65 4.86
CA GLY B 285 0.75 -3.39 4.13
C GLY B 285 2.05 -2.88 3.54
N SER B 286 2.00 -2.51 2.26
CA SER B 286 3.19 -1.98 1.58
C SER B 286 3.81 -0.82 2.34
N ASP B 287 3.01 -0.05 3.06
CA ASP B 287 3.51 1.12 3.80
C ASP B 287 4.52 0.76 4.88
N ARG B 288 4.52 -0.50 5.34
CA ARG B 288 5.32 -0.88 6.50
C ARG B 288 6.50 -1.78 6.13
N ILE B 289 6.87 -1.82 4.85
CA ILE B 289 7.88 -2.74 4.33
C ILE B 289 9.00 -1.91 3.74
N LEU B 290 10.24 -2.22 4.10
CA LEU B 290 11.41 -1.48 3.66
C LEU B 290 12.35 -2.40 2.91
N PHE B 291 12.89 -1.91 1.80
CA PHE B 291 14.00 -2.58 1.16
C PHE B 291 15.18 -2.67 2.13
N SER B 292 15.92 -3.78 2.05
CA SER B 292 17.19 -3.94 2.74
C SER B 292 17.85 -5.17 2.16
N ILE B 293 19.17 -5.29 2.39
CA ILE B 293 19.97 -6.30 1.71
C ILE B 293 20.41 -7.42 2.65
N ASP B 294 21.06 -7.07 3.78
CA ASP B 294 21.76 -7.98 4.69
C ASP B 294 23.19 -8.23 4.20
N TYR B 295 23.80 -7.21 3.59
CA TYR B 295 25.18 -7.30 3.11
C TYR B 295 26.14 -7.31 4.29
N PRO B 296 27.27 -8.05 4.20
CA PRO B 296 27.78 -8.84 3.07
C PRO B 296 27.44 -10.32 3.19
N PHE B 297 26.50 -10.67 4.06
CA PHE B 297 26.04 -12.04 4.11
C PHE B 297 25.18 -12.37 2.90
N GLU B 298 24.47 -11.37 2.36
CA GLU B 298 23.88 -11.41 1.05
C GLU B 298 24.61 -10.43 0.14
N THR B 299 24.50 -10.64 -1.17
CA THR B 299 25.13 -9.74 -2.12
C THR B 299 24.15 -8.68 -2.60
N PHE B 300 24.70 -7.51 -2.94
CA PHE B 300 23.90 -6.48 -3.61
C PHE B 300 23.18 -7.05 -4.83
N SER B 301 23.87 -7.92 -5.58
CA SER B 301 23.33 -8.42 -6.84
C SER B 301 22.06 -9.24 -6.62
N ASP B 302 22.10 -10.21 -5.69
CA ASP B 302 20.88 -10.96 -5.38
C ASP B 302 19.76 -10.02 -4.96
N ALA B 303 20.05 -9.07 -4.06
CA ALA B 303 18.98 -8.28 -3.47
C ALA B 303 18.39 -7.29 -4.48
N CYS B 304 19.28 -6.57 -5.18
CA CYS B 304 18.85 -5.46 -6.04
C CYS B 304 18.36 -5.94 -7.40
N GLU B 305 18.98 -6.96 -7.97
CA GLU B 305 18.43 -7.51 -9.21
C GLU B 305 17.09 -8.15 -8.97
N TRP B 306 16.89 -8.74 -7.78
CA TRP B 306 15.56 -9.23 -7.43
C TRP B 306 14.57 -8.08 -7.36
N PHE B 307 14.88 -7.07 -6.54
CA PHE B 307 13.89 -6.02 -6.29
C PHE B 307 13.62 -5.19 -7.53
N ASP B 308 14.68 -4.88 -8.30
CA ASP B 308 14.52 -4.00 -9.46
C ASP B 308 13.67 -4.67 -10.53
N ASN B 309 13.72 -6.00 -10.61
CA ASN B 309 13.04 -6.73 -11.67
C ASN B 309 11.79 -7.43 -11.18
N ALA B 310 11.46 -7.32 -9.90
CA ALA B 310 10.23 -7.92 -9.40
C ALA B 310 9.03 -7.27 -10.06
N GLU B 311 8.06 -8.09 -10.43
CA GLU B 311 6.77 -7.55 -10.86
C GLU B 311 6.10 -6.88 -9.67
N LEU B 312 5.90 -5.57 -9.77
CA LEU B 312 5.38 -4.81 -8.65
C LEU B 312 4.83 -3.50 -9.20
N ASN B 313 3.73 -3.03 -8.63
CA ASN B 313 3.16 -1.76 -9.07
C ASN B 313 4.10 -0.61 -8.73
N GLY B 314 3.99 0.49 -9.48
CA GLY B 314 4.95 1.57 -9.35
C GLY B 314 4.87 2.26 -8.00
N THR B 315 3.66 2.37 -7.46
CA THR B 315 3.48 3.01 -6.16
C THR B 315 4.28 2.30 -5.08
N ASP B 316 4.12 0.98 -4.99
CA ASP B 316 4.76 0.24 -3.93
C ASP B 316 6.25 0.03 -4.19
N ARG B 317 6.68 -0.07 -5.45
CA ARG B 317 8.11 -0.16 -5.70
C ARG B 317 8.83 1.06 -5.16
N LEU B 318 8.25 2.25 -5.36
CA LEU B 318 8.83 3.48 -4.82
C LEU B 318 8.81 3.47 -3.30
N LYS B 319 7.66 3.12 -2.71
CA LYS B 319 7.54 3.16 -1.26
C LYS B 319 8.49 2.17 -0.59
N ILE B 320 8.44 0.91 -1.00
CA ILE B 320 9.33 -0.08 -0.42
C ILE B 320 10.78 0.26 -0.74
N GLY B 321 11.04 0.72 -1.96
CA GLY B 321 12.42 0.92 -2.38
C GLY B 321 13.14 2.05 -1.68
N ARG B 322 12.42 3.12 -1.33
CA ARG B 322 13.07 4.25 -0.67
C ARG B 322 12.09 5.12 0.13
N GLU B 323 10.87 5.33 -0.38
CA GLU B 323 10.06 6.42 0.15
C GLU B 323 9.55 6.14 1.55
N ASN B 324 9.28 4.87 1.90
CA ASN B 324 8.96 4.56 3.29
C ASN B 324 10.15 4.88 4.19
N ALA B 325 11.34 4.40 3.85
CA ALA B 325 12.50 4.68 4.69
C ALA B 325 12.76 6.17 4.73
N LYS B 326 12.47 6.89 3.63
CA LYS B 326 12.72 8.32 3.59
C LYS B 326 11.93 9.06 4.65
N LYS B 327 10.64 8.72 4.78
CA LYS B 327 9.80 9.38 5.77
C LYS B 327 10.16 8.92 7.19
N LEU B 328 10.46 7.64 7.37
CA LEU B 328 10.74 7.13 8.72
C LEU B 328 12.04 7.70 9.29
N PHE B 329 13.08 7.80 8.47
CA PHE B 329 14.37 8.28 8.93
C PHE B 329 14.56 9.77 8.67
N LYS B 330 13.47 10.50 8.39
CA LYS B 330 13.51 11.94 8.13
C LYS B 330 14.62 12.29 7.15
N LEU B 331 14.74 11.50 6.10
CA LEU B 331 15.84 11.65 5.17
C LEU B 331 15.49 12.66 4.12
N ASP B 332 16.22 13.75 4.09
CA ASP B 332 16.20 14.57 2.91
C ASP B 332 17.51 14.41 2.15
N SER B 333 17.41 14.46 0.82
CA SER B 333 18.55 14.62 -0.06
C SER B 333 19.74 13.75 0.30
N TYR B 334 19.77 12.58 -0.26
CA TYR B 334 20.97 11.79 -0.42
C TYR B 334 21.09 11.51 -1.92
N LYS B 335 22.18 10.84 -2.32
CA LYS B 335 22.41 10.53 -3.73
C LYS B 335 21.20 9.89 -4.38
N ASP B 336 20.68 10.53 -5.43
CA ASP B 336 19.58 9.99 -6.24
C ASP B 336 18.30 9.82 -5.42
N SER B 337 18.13 10.60 -4.35
CA SER B 337 16.98 10.37 -3.48
C SER B 337 15.63 10.60 -4.18
N SER B 338 15.59 11.36 -5.27
CA SER B 338 14.33 11.60 -5.99
C SER B 338 14.42 11.23 -7.47
N ALA B 339 15.40 10.41 -7.85
CA ALA B 339 15.64 10.09 -9.26
C ALA B 339 14.52 9.24 -9.88
MG MG C . -22.35 0.32 -11.33
C1 CAQ D . -25.25 -4.11 -12.61
C2 CAQ D . -24.63 -2.96 -12.14
C3 CAQ D . -24.88 -1.74 -12.77
O3 CAQ D . -24.28 -0.57 -12.29
C4 CAQ D . -25.75 -1.69 -13.87
O4 CAQ D . -26.00 -0.47 -14.50
C5 CAQ D . -26.36 -2.85 -14.33
C6 CAQ D . -26.11 -4.06 -13.70
MG MG E . 21.68 -9.14 8.93
C1 CAQ F . 23.57 -14.25 7.79
C2 CAQ F . 23.20 -12.91 7.95
C3 CAQ F . 23.62 -12.21 9.06
O3 CAQ F . 23.25 -10.87 9.22
C4 CAQ F . 24.40 -12.83 10.02
O4 CAQ F . 24.81 -12.12 11.15
C5 CAQ F . 24.76 -14.15 9.87
C6 CAQ F . 24.35 -14.86 8.76
#